data_9M2A
#
_entry.id   9M2A
#
_cell.length_a   151.368
_cell.length_b   221.727
_cell.length_c   62.855
_cell.angle_alpha   90.00
_cell.angle_beta   114.50
_cell.angle_gamma   90.00
#
_symmetry.space_group_name_H-M   'C 1 2 1'
#
loop_
_entity.id
_entity.type
_entity.pdbx_description
1 polymer 'Alternative oxidase, mitochondrial'
2 non-polymer 'FE (III) ION'
3 non-polymer 'HYDROXIDE ION'
4 non-polymer '14-[diphenyl(pyridin-2-yl)-$l^{5}-phosphanyl]tetradecyl 2-methyl-4-oxidanyl-benzoate'
#
_entity_poly.entity_id   1
_entity_poly.type   'polypeptide(L)'
_entity_poly.pdbx_seq_one_letter_code
;AAVWGHTQLNRLSFLETVPVVPLRVSDESSEDRPTWSLPDIENVAITHKKPNGLVDTLAYRSVRTCRWLFDTFSLYRFGS
ITESKVISRCLFLETVAGVPGMVGGMLRHLSSLRYMTRDKGWINTLLVEAENERMHLMTFIELRQPGLPLRVSIIITQAI
MYLFLLVAYVISPRFVHRFVGYLEEEAVITYTGVMRAIDEGRLRPTKNDVPEVARVYWNLSKNATFRDLINVIRADEAEH
RVVNHTFADMHEKRLQNSVNPFVVLKKNPEEM
;
_entity_poly.pdbx_strand_id   A,B,C,D
#
loop_
_chem_comp.id
_chem_comp.type
_chem_comp.name
_chem_comp.formula
A1L8E non-polymer '14-[diphenyl(pyridin-2-yl)-$l^{5}-phosphanyl]tetradecyl 2-methyl-4-oxidanyl-benzoate' 'C39 H50 N O3 P'
FE non-polymer 'FE (III) ION' 'Fe 3'
OH non-polymer 'HYDROXIDE ION' 'H O -1'
#
# COMPACT_ATOMS: atom_id res chain seq x y z
N ALA A 2 -10.47 39.33 -21.07
CA ALA A 2 -9.46 38.81 -22.05
C ALA A 2 -9.24 39.81 -23.19
N VAL A 3 -8.01 40.29 -23.34
CA VAL A 3 -7.66 41.21 -24.44
C VAL A 3 -6.83 40.45 -25.49
N TRP A 4 -7.42 39.36 -25.97
CA TRP A 4 -6.81 38.49 -26.98
C TRP A 4 -7.79 38.26 -28.15
N GLY A 5 -7.53 38.95 -29.25
CA GLY A 5 -8.51 39.00 -30.34
C GLY A 5 -7.94 39.51 -31.64
N HIS A 6 -8.84 39.95 -32.53
CA HIS A 6 -8.53 40.01 -33.94
C HIS A 6 -7.48 41.01 -34.28
N THR A 7 -7.36 42.06 -33.48
CA THR A 7 -6.27 43.03 -33.67
C THR A 7 -4.94 42.33 -33.49
N GLN A 8 -4.79 41.65 -32.36
CA GLN A 8 -3.56 40.92 -32.06
C GLN A 8 -3.36 39.76 -33.03
N LEU A 9 -4.46 39.18 -33.54
CA LEU A 9 -4.36 38.05 -34.46
C LEU A 9 -3.98 38.48 -35.86
N ASN A 10 -4.32 39.73 -36.20
CA ASN A 10 -3.98 40.32 -37.48
C ASN A 10 -2.60 40.95 -37.53
N ARG A 11 -1.77 40.68 -36.52
CA ARG A 11 -0.39 41.18 -36.53
C ARG A 11 0.58 40.18 -37.18
N LEU A 12 1.76 40.68 -37.52
CA LEU A 12 2.82 39.87 -38.16
C LEU A 12 3.82 39.33 -37.14
N SER A 13 4.03 40.08 -36.06
CA SER A 13 5.01 39.75 -35.07
C SER A 13 4.70 40.43 -33.73
N PHE A 14 5.10 39.80 -32.63
CA PHE A 14 5.27 40.48 -31.33
C PHE A 14 6.74 40.48 -30.89
N LEU A 15 7.64 40.66 -31.85
CA LEU A 15 9.07 40.77 -31.59
C LEU A 15 9.35 42.16 -31.00
N GLU A 16 8.64 43.15 -31.53
CA GLU A 16 8.40 44.45 -30.87
C GLU A 16 8.37 44.37 -29.34
N THR A 17 7.53 43.48 -28.81
CA THR A 17 7.21 43.47 -27.39
C THR A 17 8.16 42.62 -26.54
N VAL A 18 9.15 41.94 -27.13
CA VAL A 18 9.90 40.95 -26.32
C VAL A 18 10.83 41.59 -25.29
N PRO A 19 11.41 42.77 -25.57
CA PRO A 19 12.16 43.42 -24.49
C PRO A 19 11.34 44.18 -23.40
N VAL A 20 10.01 43.98 -23.30
CA VAL A 20 9.20 44.61 -22.25
C VAL A 20 8.28 43.66 -21.48
N VAL A 21 8.54 42.36 -21.57
CA VAL A 21 7.71 41.32 -20.92
C VAL A 21 8.53 40.61 -19.85
N PRO A 22 7.99 40.47 -18.63
CA PRO A 22 8.79 39.94 -17.54
C PRO A 22 9.10 38.43 -17.64
N LEU A 23 10.23 38.02 -17.05
CA LEU A 23 10.52 36.62 -16.78
C LEU A 23 9.86 36.25 -15.44
N ARG A 24 8.57 35.93 -15.53
CA ARG A 24 7.76 35.45 -14.39
C ARG A 24 7.95 33.94 -14.30
N VAL A 25 8.24 33.46 -13.10
CA VAL A 25 8.56 32.04 -12.92
C VAL A 25 7.31 31.13 -12.89
N SER A 26 6.11 31.72 -12.88
CA SER A 26 4.83 30.99 -13.03
C SER A 26 4.42 30.70 -14.48
N ASP A 27 5.17 31.24 -15.45
CA ASP A 27 4.97 30.96 -16.89
C ASP A 27 5.87 29.83 -17.39
N GLU A 28 6.86 29.45 -16.60
CA GLU A 28 7.67 28.27 -16.88
C GLU A 28 6.79 27.08 -17.32
N SER A 29 5.90 26.65 -16.41
CA SER A 29 5.03 25.47 -16.61
C SER A 29 3.70 25.82 -17.28
N SER A 30 2.95 24.78 -17.63
CA SER A 30 1.58 24.91 -18.08
C SER A 30 0.80 25.24 -16.84
N GLU A 31 -0.40 25.77 -17.01
CA GLU A 31 -1.19 26.18 -15.86
C GLU A 31 -1.75 24.93 -15.17
N ASP A 32 -0.89 23.92 -14.96
CA ASP A 32 -1.39 22.55 -14.75
C ASP A 32 -0.52 21.81 -13.73
N ARG A 33 -0.71 22.24 -12.49
CA ARG A 33 0.28 22.07 -11.44
C ARG A 33 -0.15 21.00 -10.45
N PRO A 34 0.83 20.35 -9.78
CA PRO A 34 0.40 19.50 -8.71
C PRO A 34 -0.13 20.40 -7.62
N THR A 35 -1.29 20.01 -7.07
CA THR A 35 -1.91 20.66 -5.92
C THR A 35 -1.96 19.63 -4.80
N TRP A 36 -0.91 19.62 -3.98
CA TRP A 36 -0.83 18.79 -2.78
C TRP A 36 -1.17 19.55 -1.48
N SER A 37 -1.15 18.81 -0.37
CA SER A 37 -1.20 19.31 1.02
C SER A 37 -0.32 18.39 1.92
N LEU A 38 0.66 18.99 2.59
CA LEU A 38 1.80 18.27 3.12
C LEU A 38 1.53 17.33 4.30
N PRO A 39 0.53 17.62 5.15
CA PRO A 39 0.15 16.60 6.13
C PRO A 39 -0.22 15.27 5.47
N ASP A 40 -0.97 15.33 4.37
CA ASP A 40 -1.50 14.15 3.67
C ASP A 40 -0.42 13.42 2.87
N ILE A 41 0.28 14.15 2.02
CA ILE A 41 1.39 13.53 1.29
C ILE A 41 2.56 13.15 2.21
N GLU A 42 2.54 13.58 3.47
CA GLU A 42 3.45 12.99 4.47
C GLU A 42 3.35 11.45 4.48
N ASN A 43 2.16 10.88 4.28
CA ASN A 43 1.99 9.43 4.32
C ASN A 43 1.93 8.69 2.98
N VAL A 44 2.77 9.11 2.03
CA VAL A 44 3.00 8.29 0.84
C VAL A 44 3.97 7.22 1.27
N ALA A 45 3.63 5.98 0.97
CA ALA A 45 4.45 4.81 1.26
C ALA A 45 5.13 4.27 0.01
N ILE A 46 6.29 3.67 0.22
CA ILE A 46 6.93 2.71 -0.72
C ILE A 46 5.94 1.61 -1.14
N THR A 47 5.93 1.22 -2.44
CA THR A 47 5.16 0.03 -2.86
C THR A 47 5.92 -0.87 -3.85
N HIS A 48 5.26 -1.92 -4.32
CA HIS A 48 5.80 -2.79 -5.36
C HIS A 48 4.72 -3.60 -6.07
N LYS A 49 4.83 -3.73 -7.39
CA LYS A 49 3.86 -4.50 -8.15
C LYS A 49 4.46 -5.79 -8.64
N LYS A 50 3.82 -6.92 -8.32
CA LYS A 50 4.29 -8.20 -8.80
C LYS A 50 4.43 -8.13 -10.32
N PRO A 51 5.55 -8.64 -10.87
CA PRO A 51 5.66 -8.85 -12.32
C PRO A 51 4.78 -9.98 -12.83
N ASN A 52 4.04 -9.71 -13.91
CA ASN A 52 3.31 -10.75 -14.61
C ASN A 52 4.29 -11.39 -15.59
N GLY A 53 4.23 -11.03 -16.85
CA GLY A 53 5.03 -11.71 -17.85
C GLY A 53 6.48 -11.27 -17.91
N LEU A 54 7.22 -12.00 -18.74
CA LEU A 54 8.51 -11.64 -19.30
C LEU A 54 8.75 -10.14 -19.52
N VAL A 55 7.70 -9.37 -19.79
CA VAL A 55 7.83 -7.92 -20.00
C VAL A 55 8.03 -7.19 -18.68
N ASP A 56 7.09 -7.32 -17.74
CA ASP A 56 7.22 -6.74 -16.39
C ASP A 56 8.49 -7.27 -15.70
N THR A 57 8.84 -8.52 -15.96
CA THR A 57 10.11 -9.04 -15.45
C THR A 57 11.30 -8.31 -16.07
N LEU A 58 11.34 -8.24 -17.41
CA LEU A 58 12.42 -7.57 -18.15
C LEU A 58 12.55 -6.16 -17.64
N ALA A 59 11.42 -5.48 -17.56
CA ALA A 59 11.34 -4.12 -17.03
C ALA A 59 12.06 -4.07 -15.70
N TYR A 60 11.59 -4.87 -14.76
CA TYR A 60 12.18 -4.89 -13.42
C TYR A 60 13.73 -5.08 -13.40
N ARG A 61 14.25 -5.98 -14.24
CA ARG A 61 15.70 -6.22 -14.32
C ARG A 61 16.47 -5.04 -14.91
N SER A 62 15.89 -4.40 -15.93
CA SER A 62 16.47 -3.17 -16.44
C SER A 62 16.64 -2.23 -15.27
N VAL A 63 15.55 -2.06 -14.50
CA VAL A 63 15.49 -1.03 -13.45
C VAL A 63 16.31 -1.35 -12.19
N ARG A 64 16.55 -2.63 -11.88
CA ARG A 64 17.47 -2.99 -10.78
C ARG A 64 18.93 -2.99 -11.26
N THR A 65 19.20 -3.66 -12.38
CA THR A 65 20.52 -3.61 -13.03
C THR A 65 20.99 -2.18 -13.23
N CYS A 66 20.13 -1.32 -13.77
CA CYS A 66 20.46 0.10 -13.89
C CYS A 66 20.88 0.74 -12.56
N ARG A 67 20.15 0.43 -11.49
CA ARG A 67 20.41 1.04 -10.20
C ARG A 67 21.82 0.71 -9.73
N TRP A 68 22.06 -0.58 -9.50
CA TRP A 68 23.35 -1.11 -9.07
C TRP A 68 24.52 -0.39 -9.74
N LEU A 69 24.50 -0.39 -11.08
CA LEU A 69 25.50 0.32 -11.91
C LEU A 69 25.60 1.79 -11.57
N PHE A 70 24.45 2.44 -11.51
CA PHE A 70 24.43 3.85 -11.15
C PHE A 70 25.01 4.06 -9.75
N ASP A 71 24.55 3.29 -8.76
CA ASP A 71 25.05 3.39 -7.36
C ASP A 71 26.58 3.25 -7.24
N THR A 72 27.19 2.55 -8.19
CA THR A 72 28.62 2.30 -8.20
C THR A 72 29.39 3.35 -9.03
N PHE A 73 28.87 3.73 -10.20
CA PHE A 73 29.49 4.80 -11.01
C PHE A 73 29.26 6.21 -10.45
N SER A 74 28.15 6.41 -9.75
CA SER A 74 27.93 7.60 -8.92
C SER A 74 28.67 7.57 -7.56
N LEU A 75 29.29 6.45 -7.19
CA LEU A 75 30.02 6.31 -5.91
C LEU A 75 29.07 6.45 -4.71
N TYR A 76 27.78 6.39 -4.97
CA TYR A 76 26.77 7.03 -4.11
C TYR A 76 26.63 6.39 -2.74
N ARG A 77 26.72 5.06 -2.67
CA ARG A 77 26.67 4.33 -1.40
C ARG A 77 28.08 3.88 -0.94
N PHE A 78 29.10 4.69 -1.25
CA PHE A 78 30.49 4.45 -0.81
C PHE A 78 30.88 5.62 0.09
N GLY A 79 30.97 5.35 1.39
CA GLY A 79 31.15 6.39 2.41
C GLY A 79 29.80 6.91 2.85
N SER A 80 29.80 8.03 3.57
CA SER A 80 28.57 8.60 4.11
C SER A 80 27.67 9.17 3.01
N ILE A 81 26.50 9.66 3.39
CA ILE A 81 25.66 10.48 2.51
C ILE A 81 26.21 11.91 2.56
N THR A 82 25.72 12.78 1.68
CA THR A 82 25.85 14.25 1.85
C THR A 82 24.64 14.94 1.19
N GLU A 83 24.70 16.26 1.07
CA GLU A 83 23.74 17.00 0.25
C GLU A 83 24.19 17.11 -1.21
N SER A 84 25.50 17.10 -1.43
CA SER A 84 26.04 17.07 -2.80
C SER A 84 25.42 15.89 -3.53
N LYS A 85 25.72 14.69 -3.05
CA LYS A 85 25.39 13.48 -3.80
C LYS A 85 23.88 13.28 -4.00
N VAL A 86 23.07 13.67 -3.00
CA VAL A 86 21.59 13.64 -3.12
C VAL A 86 21.15 14.50 -4.28
N ILE A 87 21.52 15.77 -4.22
CA ILE A 87 21.18 16.71 -5.30
C ILE A 87 21.76 16.23 -6.63
N SER A 88 22.98 15.70 -6.62
CA SER A 88 23.62 15.29 -7.87
C SER A 88 22.86 14.15 -8.53
N ARG A 89 22.72 13.02 -7.83
CA ARG A 89 21.91 11.90 -8.33
C ARG A 89 20.61 12.46 -8.91
N CYS A 90 19.85 13.15 -8.05
CA CYS A 90 18.51 13.72 -8.38
C CYS A 90 18.43 14.73 -9.54
N LEU A 91 19.55 15.36 -9.85
CA LEU A 91 19.64 16.31 -10.95
C LEU A 91 19.87 15.54 -12.25
N PHE A 92 20.92 14.72 -12.25
CA PHE A 92 21.22 13.80 -13.35
C PHE A 92 19.96 13.10 -13.75
N LEU A 93 19.37 12.40 -12.77
CA LEU A 93 18.28 11.46 -13.01
C LEU A 93 17.00 12.09 -13.57
N GLU A 94 16.67 13.31 -13.17
CA GLU A 94 15.52 13.97 -13.76
C GLU A 94 15.80 14.23 -15.24
N THR A 95 17.06 14.52 -15.62
CA THR A 95 17.38 14.67 -17.07
C THR A 95 16.84 13.46 -17.85
N VAL A 96 17.07 12.27 -17.32
CA VAL A 96 16.57 11.06 -17.96
C VAL A 96 15.04 10.93 -17.77
N ALA A 97 14.54 11.32 -16.59
CA ALA A 97 13.10 11.27 -16.23
C ALA A 97 12.19 12.14 -17.08
N GLY A 98 12.74 13.25 -17.55
CA GLY A 98 11.99 14.18 -18.36
C GLY A 98 11.61 13.60 -19.70
N VAL A 99 12.22 12.48 -20.08
CA VAL A 99 12.05 11.94 -21.43
C VAL A 99 10.88 10.97 -21.61
N PRO A 100 10.82 9.86 -20.85
CA PRO A 100 9.84 8.84 -21.23
C PRO A 100 8.46 9.38 -21.59
N GLY A 101 7.82 10.08 -20.64
CA GLY A 101 6.51 10.67 -20.84
C GLY A 101 6.42 11.51 -22.11
N MET A 102 7.52 12.18 -22.49
CA MET A 102 7.62 12.91 -23.75
C MET A 102 7.62 12.05 -25.01
N VAL A 103 8.38 10.95 -25.01
CA VAL A 103 8.42 10.06 -26.19
C VAL A 103 7.10 9.29 -26.27
N GLY A 104 6.52 8.95 -25.11
CA GLY A 104 5.17 8.38 -25.05
C GLY A 104 4.09 9.38 -25.42
N GLY A 105 4.20 10.59 -24.87
CA GLY A 105 3.18 11.63 -25.05
C GLY A 105 2.99 11.95 -26.51
N MET A 106 4.12 12.14 -27.17
CA MET A 106 4.19 12.40 -28.60
C MET A 106 3.70 11.20 -29.42
N LEU A 107 4.14 9.99 -29.08
CA LEU A 107 3.74 8.83 -29.88
C LEU A 107 2.22 8.70 -29.99
N ARG A 108 1.54 8.80 -28.85
CA ARG A 108 0.07 8.86 -28.79
C ARG A 108 -0.53 10.02 -29.63
N HIS A 109 0.13 11.18 -29.60
CA HIS A 109 -0.22 12.28 -30.48
C HIS A 109 -0.13 11.80 -31.91
N LEU A 110 1.06 11.44 -32.38
CA LEU A 110 1.17 11.11 -33.82
C LEU A 110 0.21 9.96 -34.16
N SER A 111 0.22 8.93 -33.30
CA SER A 111 -0.69 7.77 -33.40
C SER A 111 -2.18 8.14 -33.51
N SER A 112 -2.63 9.11 -32.72
CA SER A 112 -3.94 9.69 -32.92
C SER A 112 -4.04 10.21 -34.36
N LEU A 113 -3.23 11.21 -34.69
CA LEU A 113 -3.35 12.00 -35.93
C LEU A 113 -3.53 11.23 -37.24
N ARG A 114 -2.72 10.17 -37.39
CA ARG A 114 -2.68 9.35 -38.60
C ARG A 114 -3.77 8.32 -38.67
N TYR A 115 -4.29 7.87 -37.53
CA TYR A 115 -5.44 6.96 -37.49
C TYR A 115 -6.73 7.73 -37.25
N MET A 116 -6.63 9.04 -37.04
CA MET A 116 -7.80 9.88 -36.81
C MET A 116 -8.75 9.33 -35.72
N THR A 117 -8.17 8.65 -34.72
CA THR A 117 -8.92 8.10 -33.60
C THR A 117 -8.78 9.00 -32.37
N ARG A 118 -9.84 9.03 -31.55
CA ARG A 118 -9.80 9.76 -30.28
C ARG A 118 -8.75 9.11 -29.38
N ASP A 119 -8.11 9.95 -28.57
CA ASP A 119 -7.03 9.54 -27.67
C ASP A 119 -7.50 9.28 -26.26
N LYS A 120 -8.74 9.64 -25.95
CA LYS A 120 -9.28 9.58 -24.57
C LYS A 120 -8.27 9.95 -23.46
N GLY A 121 -7.60 11.08 -23.63
CA GLY A 121 -6.91 11.75 -22.54
C GLY A 121 -5.58 11.24 -22.05
N TRP A 122 -5.00 10.25 -22.73
CA TRP A 122 -3.70 9.72 -22.32
C TRP A 122 -2.56 10.71 -22.57
N ILE A 123 -2.62 11.41 -23.71
CA ILE A 123 -1.54 12.31 -24.14
C ILE A 123 -1.18 13.31 -23.04
N ASN A 124 -2.02 14.35 -22.85
CA ASN A 124 -1.78 15.37 -21.81
C ASN A 124 -1.17 14.86 -20.50
N THR A 125 -1.69 13.78 -19.94
CA THR A 125 -1.12 13.23 -18.69
C THR A 125 0.37 12.91 -18.84
N LEU A 126 0.75 12.30 -19.97
CA LEU A 126 2.16 11.94 -20.27
C LEU A 126 3.01 13.18 -20.55
N LEU A 127 2.38 14.17 -21.20
CA LEU A 127 2.92 15.53 -21.39
C LEU A 127 3.06 16.30 -20.08
N VAL A 128 2.04 16.28 -19.20
CA VAL A 128 2.12 17.04 -17.94
C VAL A 128 2.98 16.34 -16.91
N GLU A 129 3.18 15.01 -17.07
CA GLU A 129 4.27 14.32 -16.39
C GLU A 129 5.58 14.91 -16.89
N ALA A 130 5.80 14.77 -18.19
CA ALA A 130 7.06 15.16 -18.79
C ALA A 130 7.51 16.51 -18.24
N GLU A 131 6.56 17.44 -18.16
CA GLU A 131 6.84 18.74 -17.56
C GLU A 131 7.25 18.61 -16.09
N ASN A 132 6.42 17.89 -15.30
CA ASN A 132 6.69 17.76 -13.89
C ASN A 132 8.15 17.44 -13.67
N GLU A 133 8.59 16.32 -14.24
CA GLU A 133 9.93 15.80 -13.97
C GLU A 133 11.01 16.77 -14.45
N ARG A 134 10.74 17.50 -15.53
CA ARG A 134 11.55 18.66 -15.87
C ARG A 134 11.58 19.61 -14.71
N MET A 135 10.40 20.01 -14.24
CA MET A 135 10.31 21.00 -13.18
C MET A 135 11.07 20.67 -11.90
N HIS A 136 11.17 19.39 -11.60
CA HIS A 136 12.06 18.90 -10.56
C HIS A 136 13.50 19.30 -10.88
N LEU A 137 13.93 19.10 -12.14
CA LEU A 137 15.29 19.42 -12.64
C LEU A 137 15.63 20.90 -12.64
N MET A 138 14.68 21.78 -12.95
CA MET A 138 14.97 23.24 -12.86
C MET A 138 15.11 23.60 -11.37
N THR A 139 14.18 23.12 -10.53
CA THR A 139 14.29 23.21 -9.09
C THR A 139 15.68 22.78 -8.59
N PHE A 140 16.10 21.55 -8.93
CA PHE A 140 17.45 21.03 -8.58
C PHE A 140 18.60 21.81 -9.26
N ILE A 141 18.32 22.46 -10.38
CA ILE A 141 19.28 23.35 -11.00
C ILE A 141 19.74 24.35 -9.95
N GLU A 142 18.78 24.96 -9.26
CA GLU A 142 19.05 26.07 -8.32
C GLU A 142 19.98 25.70 -7.14
N LEU A 143 19.61 24.66 -6.41
CA LEU A 143 20.33 24.26 -5.19
C LEU A 143 21.82 23.97 -5.43
N ARG A 144 22.16 23.37 -6.56
CA ARG A 144 23.55 23.07 -6.92
C ARG A 144 23.71 23.06 -8.43
N GLN A 145 24.60 23.89 -8.97
CA GLN A 145 25.04 23.75 -10.37
C GLN A 145 26.15 22.70 -10.41
N PRO A 146 26.18 21.85 -11.46
CA PRO A 146 27.19 20.80 -11.58
C PRO A 146 28.35 21.15 -12.50
N GLY A 147 29.53 20.60 -12.24
CA GLY A 147 30.71 20.81 -13.10
C GLY A 147 30.55 20.10 -14.44
N LEU A 148 31.34 20.52 -15.42
CA LEU A 148 31.32 19.94 -16.78
C LEU A 148 31.08 18.43 -16.78
N PRO A 149 31.91 17.66 -16.05
CA PRO A 149 31.70 16.21 -15.92
C PRO A 149 30.25 15.77 -15.93
N LEU A 150 29.44 16.23 -15.00
CA LEU A 150 28.05 15.81 -14.93
C LEU A 150 27.18 16.44 -16.04
N ARG A 151 27.48 17.68 -16.44
CA ARG A 151 26.77 18.30 -17.57
C ARG A 151 26.95 17.48 -18.83
N VAL A 152 28.16 16.96 -19.06
CA VAL A 152 28.40 16.08 -20.20
C VAL A 152 27.59 14.80 -20.01
N SER A 153 27.90 14.01 -19.01
CA SER A 153 27.24 12.70 -18.87
C SER A 153 25.74 12.77 -19.18
N ILE A 154 25.12 13.89 -18.85
CA ILE A 154 23.72 14.17 -19.16
C ILE A 154 23.43 14.08 -20.66
N ILE A 155 24.07 14.93 -21.44
CA ILE A 155 24.02 14.92 -22.92
C ILE A 155 24.16 13.52 -23.56
N ILE A 156 25.29 12.86 -23.30
CA ILE A 156 25.55 11.54 -23.91
C ILE A 156 24.47 10.55 -23.45
N THR A 157 23.99 10.68 -22.21
CA THR A 157 22.95 9.81 -21.63
C THR A 157 21.59 10.04 -22.26
N GLN A 158 21.11 11.28 -22.19
CA GLN A 158 19.89 11.62 -22.89
C GLN A 158 19.94 11.10 -24.36
N ALA A 159 21.07 11.30 -25.04
CA ALA A 159 21.19 10.81 -26.42
C ALA A 159 20.76 9.38 -26.50
N ILE A 160 21.34 8.56 -25.62
CA ILE A 160 21.09 7.11 -25.55
C ILE A 160 19.66 6.80 -25.12
N MET A 161 19.31 7.27 -23.90
CA MET A 161 17.97 7.09 -23.29
C MET A 161 16.80 7.63 -24.11
N TYR A 162 17.03 8.65 -24.94
CA TYR A 162 16.02 9.07 -25.88
C TYR A 162 15.76 7.85 -26.74
N LEU A 163 16.68 7.59 -27.66
CA LEU A 163 16.55 6.49 -28.63
C LEU A 163 15.90 5.22 -28.02
N PHE A 164 16.54 4.61 -27.02
CA PHE A 164 15.99 3.38 -26.39
C PHE A 164 14.50 3.51 -26.09
N LEU A 165 14.17 4.58 -25.37
CA LEU A 165 12.79 4.84 -25.05
C LEU A 165 12.03 4.92 -26.34
N LEU A 166 12.45 5.80 -27.22
CA LEU A 166 11.73 6.00 -28.47
C LEU A 166 11.35 4.68 -29.16
N VAL A 167 12.24 3.69 -29.18
CA VAL A 167 11.93 2.45 -29.93
C VAL A 167 11.25 1.38 -29.05
N ALA A 168 11.50 1.41 -27.74
CA ALA A 168 10.74 0.60 -26.79
C ALA A 168 9.25 0.97 -26.83
N TYR A 169 8.97 2.29 -26.83
CA TYR A 169 7.59 2.83 -26.85
C TYR A 169 6.90 2.56 -28.20
N VAL A 170 7.71 2.40 -29.27
CA VAL A 170 7.23 1.77 -30.50
C VAL A 170 6.83 0.31 -30.26
N ILE A 171 7.81 -0.53 -29.91
CA ILE A 171 7.58 -2.00 -29.78
C ILE A 171 6.57 -2.42 -28.69
N SER A 172 6.89 -2.11 -27.44
CA SER A 172 6.04 -2.49 -26.32
C SER A 172 5.98 -1.34 -25.35
N PRO A 173 5.13 -0.35 -25.59
CA PRO A 173 4.89 0.68 -24.59
C PRO A 173 4.19 0.12 -23.32
N ARG A 174 3.91 -1.18 -23.32
CA ARG A 174 3.75 -1.90 -22.08
C ARG A 174 5.09 -2.10 -21.42
N PHE A 175 6.14 -2.45 -22.16
CA PHE A 175 7.47 -2.48 -21.55
C PHE A 175 7.79 -1.13 -20.89
N VAL A 176 7.48 -0.05 -21.61
CA VAL A 176 7.94 1.28 -21.21
C VAL A 176 7.11 1.89 -20.09
N HIS A 177 5.79 1.78 -20.16
CA HIS A 177 4.95 2.28 -19.06
C HIS A 177 5.20 1.51 -17.80
N ARG A 178 5.40 0.21 -17.92
CA ARG A 178 5.89 -0.62 -16.80
C ARG A 178 7.31 -0.26 -16.32
N PHE A 179 8.24 -0.03 -17.26
CA PHE A 179 9.63 0.31 -16.94
C PHE A 179 9.67 1.59 -16.10
N VAL A 180 8.77 2.54 -16.38
CA VAL A 180 8.68 3.78 -15.58
C VAL A 180 8.19 3.41 -14.18
N GLY A 181 7.02 2.79 -14.13
CA GLY A 181 6.44 2.29 -12.89
C GLY A 181 7.46 1.95 -11.82
N TYR A 182 8.45 1.14 -12.19
CA TYR A 182 9.50 0.71 -11.26
C TYR A 182 10.53 1.80 -10.93
N LEU A 183 10.88 2.61 -11.95
CA LEU A 183 11.74 3.78 -11.75
C LEU A 183 11.19 4.77 -10.71
N GLU A 184 9.87 4.98 -10.74
CA GLU A 184 9.18 5.77 -9.70
C GLU A 184 9.17 5.07 -8.35
N GLU A 185 8.98 3.74 -8.33
CA GLU A 185 9.10 2.97 -7.08
C GLU A 185 10.50 3.14 -6.46
N GLU A 186 11.54 3.04 -7.30
CA GLU A 186 12.94 3.24 -6.86
C GLU A 186 13.23 4.65 -6.37
N ALA A 187 12.61 5.64 -7.03
CA ALA A 187 12.72 7.03 -6.62
C ALA A 187 11.98 7.31 -5.30
N VAL A 188 10.69 6.97 -5.24
CA VAL A 188 9.86 7.16 -4.04
C VAL A 188 10.43 6.48 -2.77
N ILE A 189 11.26 5.45 -2.92
CA ILE A 189 12.24 5.08 -1.88
C ILE A 189 13.23 6.24 -1.66
N THR A 190 14.18 6.45 -2.58
CA THR A 190 15.17 7.51 -2.45
C THR A 190 14.63 8.67 -1.60
N TYR A 191 13.51 9.26 -2.05
CA TYR A 191 12.98 10.49 -1.43
C TYR A 191 12.36 10.31 -0.04
N THR A 192 12.00 9.09 0.33
CA THR A 192 11.65 8.82 1.73
C THR A 192 12.95 8.73 2.48
N GLY A 193 13.78 7.72 2.21
CA GLY A 193 15.10 7.60 2.85
C GLY A 193 15.79 8.93 3.15
N VAL A 194 15.60 9.92 2.26
CA VAL A 194 16.03 11.31 2.43
C VAL A 194 15.16 12.07 3.44
N MET A 195 13.84 11.93 3.34
CA MET A 195 12.93 12.54 4.32
C MET A 195 13.09 11.97 5.72
N ARG A 196 13.54 10.74 5.81
CA ARG A 196 13.90 10.10 7.07
C ARG A 196 15.35 10.41 7.51
N ALA A 197 16.18 11.00 6.64
CA ALA A 197 17.55 11.35 7.00
C ALA A 197 17.56 12.65 7.77
N ILE A 198 16.88 13.67 7.24
CA ILE A 198 16.57 14.92 7.97
C ILE A 198 16.06 14.57 9.36
N ASP A 199 14.88 13.95 9.40
CA ASP A 199 14.33 13.42 10.63
C ASP A 199 15.36 12.49 11.24
N GLU A 200 15.78 12.78 12.47
CA GLU A 200 16.98 12.22 13.14
C GLU A 200 18.05 13.31 13.19
N GLY A 201 18.46 13.75 12.00
CA GLY A 201 19.56 14.69 11.82
C GLY A 201 20.79 14.05 11.24
N ARG A 202 20.59 13.05 10.37
CA ARG A 202 21.66 12.47 9.53
C ARG A 202 22.02 13.33 8.30
N LEU A 203 21.39 14.50 8.14
CA LEU A 203 21.69 15.40 7.03
C LEU A 203 21.13 16.78 7.33
N ARG A 204 21.98 17.81 7.08
CA ARG A 204 21.68 19.21 7.38
C ARG A 204 21.29 19.92 6.10
N PRO A 205 19.97 20.11 5.85
CA PRO A 205 19.54 21.08 4.85
C PRO A 205 20.08 22.49 5.08
N THR A 206 20.78 23.02 4.10
CA THR A 206 21.28 24.39 4.09
C THR A 206 20.60 25.22 3.00
N LYS A 207 19.56 24.66 2.37
CA LYS A 207 18.75 25.36 1.37
C LYS A 207 17.34 25.42 1.92
N ASN A 208 17.23 26.05 3.10
CA ASN A 208 15.96 26.33 3.76
C ASN A 208 15.39 27.67 3.25
N ASP A 209 16.11 28.27 2.30
CA ASP A 209 15.53 29.14 1.29
C ASP A 209 15.19 28.21 0.12
N VAL A 210 13.92 27.76 0.05
CA VAL A 210 13.44 26.92 -1.06
C VAL A 210 13.25 27.77 -2.33
N PRO A 211 13.87 27.39 -3.46
CA PRO A 211 13.84 28.14 -4.72
C PRO A 211 12.51 28.78 -5.09
N GLU A 212 12.55 29.92 -5.77
CA GLU A 212 11.34 30.61 -6.17
C GLU A 212 10.52 29.72 -7.11
N VAL A 213 11.02 29.45 -8.33
CA VAL A 213 10.52 28.36 -9.24
C VAL A 213 9.64 27.28 -8.61
N ALA A 214 10.20 26.65 -7.57
CA ALA A 214 9.53 25.59 -6.85
C ALA A 214 8.39 26.13 -6.02
N ARG A 215 8.62 27.24 -5.33
CA ARG A 215 7.59 27.85 -4.51
C ARG A 215 6.33 28.06 -5.35
N VAL A 216 6.44 28.70 -6.51
CA VAL A 216 5.25 28.95 -7.34
C VAL A 216 4.71 27.64 -7.91
N TYR A 217 5.62 26.70 -8.23
CA TYR A 217 5.21 25.49 -8.90
C TYR A 217 4.39 24.61 -8.02
N TRP A 218 4.85 24.41 -6.79
CA TRP A 218 4.13 23.57 -5.84
C TRP A 218 3.24 24.36 -4.91
N ASN A 219 3.15 25.67 -5.13
CA ASN A 219 2.47 26.54 -4.19
C ASN A 219 2.80 26.19 -2.73
N LEU A 220 4.07 26.33 -2.39
CA LEU A 220 4.49 26.23 -1.01
C LEU A 220 4.50 27.61 -0.42
N SER A 221 4.16 27.71 0.87
CA SER A 221 4.29 28.96 1.61
C SER A 221 5.75 29.37 1.71
N LYS A 222 5.95 30.64 2.01
CA LYS A 222 7.26 31.31 1.90
C LYS A 222 8.33 30.71 2.84
N ASN A 223 7.89 30.04 3.92
CA ASN A 223 8.78 29.47 4.93
C ASN A 223 8.99 27.92 4.81
N ALA A 224 8.71 27.35 3.64
CA ALA A 224 8.95 25.92 3.38
C ALA A 224 10.40 25.49 3.56
N THR A 225 10.63 24.32 4.17
CA THR A 225 11.97 23.70 4.24
C THR A 225 12.29 22.76 3.06
N PHE A 226 13.55 22.33 3.03
CA PHE A 226 14.03 21.33 2.08
C PHE A 226 13.20 20.04 2.11
N ARG A 227 12.97 19.50 3.30
CA ARG A 227 12.05 18.37 3.49
C ARG A 227 10.71 18.63 2.77
N ASP A 228 10.15 19.82 2.97
CA ASP A 228 8.87 20.19 2.34
C ASP A 228 8.94 20.10 0.83
N LEU A 229 10.08 20.47 0.23
CA LEU A 229 10.29 20.21 -1.19
C LEU A 229 10.14 18.71 -1.48
N ILE A 230 11.03 17.92 -0.90
CA ILE A 230 11.04 16.49 -1.16
C ILE A 230 9.64 15.91 -1.12
N ASN A 231 8.92 16.17 -0.04
CA ASN A 231 7.61 15.55 0.18
C ASN A 231 6.61 15.76 -0.98
N VAL A 232 6.69 16.93 -1.63
CA VAL A 232 5.88 17.23 -2.83
C VAL A 232 6.46 16.70 -4.13
N ILE A 233 7.78 16.48 -4.17
CA ILE A 233 8.44 15.83 -5.31
C ILE A 233 8.08 14.37 -5.28
N ARG A 234 8.22 13.78 -4.10
CA ARG A 234 7.97 12.36 -3.85
C ARG A 234 6.50 11.98 -4.09
N ALA A 235 5.58 12.88 -3.75
CA ALA A 235 4.18 12.68 -4.03
C ALA A 235 3.92 12.61 -5.54
N ASP A 236 4.46 13.59 -6.26
CA ASP A 236 4.45 13.56 -7.74
C ASP A 236 5.08 12.26 -8.27
N GLU A 237 6.22 11.85 -7.68
CA GLU A 237 6.93 10.64 -8.13
C GLU A 237 6.08 9.40 -7.89
N ALA A 238 5.26 9.42 -6.84
CA ALA A 238 4.33 8.32 -6.54
C ALA A 238 3.12 8.34 -7.44
N GLU A 239 2.66 9.53 -7.83
CA GLU A 239 1.58 9.66 -8.82
C GLU A 239 1.90 8.89 -10.11
N HIS A 240 3.13 9.02 -10.57
CA HIS A 240 3.57 8.36 -11.79
C HIS A 240 3.73 6.89 -11.56
N ARG A 241 4.26 6.56 -10.40
CA ARG A 241 4.36 5.17 -9.98
C ARG A 241 3.07 4.44 -10.27
N VAL A 242 1.94 4.94 -9.77
CA VAL A 242 0.66 4.32 -10.09
C VAL A 242 0.28 4.53 -11.55
N VAL A 243 0.31 5.77 -12.02
CA VAL A 243 -0.23 6.09 -13.34
C VAL A 243 0.41 5.24 -14.47
N ASN A 244 1.73 5.21 -14.53
CA ASN A 244 2.47 4.32 -15.44
C ASN A 244 2.38 2.80 -15.12
N HIS A 245 1.83 2.41 -13.99
CA HIS A 245 1.54 1.00 -13.72
C HIS A 245 0.14 0.57 -14.14
N THR A 246 -0.82 1.42 -13.81
CA THR A 246 -2.14 1.42 -14.42
C THR A 246 -2.08 1.43 -15.95
N PHE A 247 -1.22 2.28 -16.54
CA PHE A 247 -1.05 2.29 -18.00
C PHE A 247 -0.40 1.03 -18.57
N ALA A 248 0.61 0.52 -17.87
CA ALA A 248 1.21 -0.75 -18.23
C ALA A 248 0.21 -1.88 -18.07
N ASP A 249 -0.67 -1.80 -17.06
CA ASP A 249 -1.79 -2.77 -16.89
C ASP A 249 -2.87 -2.63 -17.97
N MET A 250 -3.19 -1.39 -18.34
CA MET A 250 -4.19 -1.18 -19.36
C MET A 250 -3.73 -1.82 -20.68
N HIS A 251 -2.45 -1.73 -20.97
CA HIS A 251 -1.89 -2.40 -22.14
C HIS A 251 -2.08 -3.91 -22.00
N GLU A 252 -1.54 -4.48 -20.92
CA GLU A 252 -1.58 -5.93 -20.70
C GLU A 252 -2.89 -6.56 -21.17
N LYS A 253 -4.02 -5.93 -20.81
CA LYS A 253 -5.38 -6.40 -21.14
C LYS A 253 -6.02 -5.56 -22.29
N ARG A 254 -5.19 -5.12 -23.22
CA ARG A 254 -5.62 -4.43 -24.44
C ARG A 254 -6.55 -3.22 -24.25
N LEU A 255 -6.25 -2.40 -23.24
CA LEU A 255 -7.00 -1.17 -22.96
C LEU A 255 -6.24 0.15 -23.30
N GLN A 256 -5.26 0.08 -24.21
CA GLN A 256 -4.61 1.32 -24.74
C GLN A 256 -5.57 2.29 -25.41
N ASN A 257 -6.77 1.84 -25.74
CA ASN A 257 -7.79 2.67 -26.36
C ASN A 257 -8.89 3.04 -25.41
N SER A 258 -8.68 2.77 -24.12
CA SER A 258 -9.67 3.07 -23.13
C SER A 258 -9.44 4.49 -22.69
N VAL A 259 -10.34 5.01 -21.85
CA VAL A 259 -10.13 6.36 -21.29
C VAL A 259 -9.16 6.24 -20.13
N ASN A 260 -8.22 7.18 -20.11
CA ASN A 260 -7.27 7.35 -19.04
C ASN A 260 -8.05 7.63 -17.75
N PRO A 261 -8.14 6.65 -16.85
CA PRO A 261 -8.97 6.86 -15.65
C PRO A 261 -8.69 8.18 -14.90
N PHE A 262 -7.43 8.60 -14.93
CA PHE A 262 -6.88 9.59 -14.02
C PHE A 262 -7.34 11.01 -14.31
N VAL A 263 -7.89 11.24 -15.51
CA VAL A 263 -8.55 12.52 -15.81
C VAL A 263 -9.83 12.67 -15.00
N VAL A 264 -10.56 11.57 -14.80
CA VAL A 264 -11.71 11.59 -13.90
C VAL A 264 -11.24 11.50 -12.45
N LEU A 265 -10.29 10.61 -12.14
CA LEU A 265 -9.84 10.41 -10.73
C LEU A 265 -9.17 11.63 -10.07
N LYS A 266 -8.93 12.70 -10.83
CA LYS A 266 -8.50 13.97 -10.27
C LYS A 266 -9.54 15.11 -10.34
N LYS A 267 -10.65 14.91 -11.07
CA LYS A 267 -11.75 15.87 -11.14
C LYS A 267 -12.98 15.33 -10.38
N ASN A 268 -13.32 14.06 -10.62
CA ASN A 268 -14.29 13.28 -9.82
C ASN A 268 -15.77 13.69 -9.95
N PRO A 269 -16.70 12.91 -9.34
CA PRO A 269 -18.08 13.36 -9.17
C PRO A 269 -18.21 14.62 -8.30
N ALA B 2 -9.67 17.85 -5.96
CA ALA B 2 -10.41 16.58 -5.70
C ALA B 2 -9.72 15.70 -4.65
N VAL B 3 -10.42 14.65 -4.21
CA VAL B 3 -9.77 13.58 -3.43
C VAL B 3 -8.73 12.88 -4.32
N TRP B 4 -7.50 13.41 -4.27
CA TRP B 4 -6.36 12.82 -4.93
C TRP B 4 -5.11 12.99 -4.03
N GLY B 5 -4.92 12.05 -3.10
CA GLY B 5 -3.85 12.09 -2.10
C GLY B 5 -3.22 10.73 -1.86
N HIS B 6 -2.41 10.60 -0.81
CA HIS B 6 -1.60 9.39 -0.59
C HIS B 6 -2.33 8.07 -0.84
N THR B 7 -3.63 8.04 -0.52
CA THR B 7 -4.39 6.78 -0.53
C THR B 7 -4.59 6.21 -1.93
N GLN B 8 -4.63 7.09 -2.93
CA GLN B 8 -4.70 6.69 -4.32
C GLN B 8 -3.28 6.32 -4.69
N LEU B 9 -2.37 7.29 -4.55
CA LEU B 9 -0.92 7.12 -4.74
C LEU B 9 -0.38 5.78 -4.22
N ASN B 10 -0.89 5.31 -3.07
CA ASN B 10 -0.41 4.07 -2.45
C ASN B 10 -1.09 2.80 -2.94
N ARG B 11 -2.26 2.94 -3.54
CA ARG B 11 -2.91 1.81 -4.19
C ARG B 11 -2.24 1.63 -5.53
N LEU B 12 -2.01 0.37 -5.90
CA LEU B 12 -0.87 -0.02 -6.75
C LEU B 12 -1.13 0.27 -8.22
N SER B 13 -2.29 -0.20 -8.69
CA SER B 13 -2.79 0.12 -10.03
C SER B 13 -4.24 0.49 -9.94
N PHE B 14 -4.70 1.20 -10.97
CA PHE B 14 -6.10 1.57 -11.12
C PHE B 14 -6.75 0.91 -12.35
N LEU B 15 -6.38 -0.34 -12.65
CA LEU B 15 -6.91 -1.05 -13.83
C LEU B 15 -8.41 -1.30 -13.65
N GLU B 16 -8.73 -1.86 -12.47
CA GLU B 16 -10.09 -2.05 -11.93
C GLU B 16 -11.19 -1.05 -12.37
N THR B 17 -10.81 0.23 -12.54
CA THR B 17 -11.74 1.35 -12.69
C THR B 17 -12.07 1.76 -14.13
N VAL B 18 -11.36 1.22 -15.12
CA VAL B 18 -11.58 1.67 -16.52
C VAL B 18 -12.99 1.37 -17.06
N PRO B 19 -13.65 0.28 -16.57
CA PRO B 19 -15.03 0.05 -16.99
C PRO B 19 -16.05 1.03 -16.40
N VAL B 20 -15.67 1.75 -15.35
CA VAL B 20 -16.58 2.64 -14.64
C VAL B 20 -16.29 4.14 -14.81
N VAL B 21 -15.21 4.49 -15.52
CA VAL B 21 -14.97 5.89 -15.85
C VAL B 21 -15.77 6.25 -17.09
N PRO B 22 -16.56 7.34 -17.05
CA PRO B 22 -17.24 7.77 -18.26
C PRO B 22 -16.29 8.36 -19.27
N LEU B 23 -16.85 8.55 -20.47
CA LEU B 23 -16.17 9.05 -21.65
C LEU B 23 -16.76 10.43 -21.83
N ARG B 24 -16.12 11.44 -21.23
CA ARG B 24 -16.63 12.82 -21.26
C ARG B 24 -15.83 13.62 -22.28
N VAL B 25 -16.54 14.21 -23.23
CA VAL B 25 -15.88 14.80 -24.42
C VAL B 25 -14.82 15.90 -24.07
N SER B 26 -15.04 16.62 -22.97
CA SER B 26 -14.05 17.57 -22.41
C SER B 26 -12.67 16.97 -22.22
N ASP B 27 -12.65 15.75 -21.68
CA ASP B 27 -11.42 15.13 -21.26
C ASP B 27 -10.50 14.76 -22.41
N GLU B 28 -11.02 14.71 -23.63
CA GLU B 28 -10.17 14.54 -24.81
C GLU B 28 -8.98 15.50 -24.87
N SER B 29 -9.24 16.76 -24.49
CA SER B 29 -8.28 17.88 -24.57
C SER B 29 -7.81 18.38 -23.20
N SER B 30 -6.64 19.04 -23.19
CA SER B 30 -6.19 19.78 -22.00
C SER B 30 -7.28 20.77 -21.67
N GLU B 31 -7.19 21.38 -20.49
CA GLU B 31 -8.14 22.42 -20.12
C GLU B 31 -7.71 23.75 -20.76
N ASP B 32 -6.54 23.76 -21.37
CA ASP B 32 -5.90 24.95 -21.92
C ASP B 32 -6.39 25.33 -23.34
N ARG B 33 -7.66 25.65 -23.45
CA ARG B 33 -8.35 25.65 -24.74
C ARG B 33 -8.32 27.02 -25.41
N PRO B 34 -8.93 27.14 -26.61
CA PRO B 34 -9.24 28.49 -27.15
C PRO B 34 -10.37 29.13 -26.38
N THR B 35 -10.47 30.44 -26.46
CA THR B 35 -11.55 31.21 -25.82
C THR B 35 -11.79 32.48 -26.66
N TRP B 36 -12.37 32.30 -27.83
CA TRP B 36 -12.63 33.40 -28.73
C TRP B 36 -13.96 34.06 -28.43
N SER B 37 -14.16 35.26 -28.97
CA SER B 37 -15.47 35.93 -29.04
C SER B 37 -15.86 36.12 -30.49
N LEU B 38 -16.93 35.45 -30.93
CA LEU B 38 -17.30 35.33 -32.37
C LEU B 38 -17.30 36.58 -33.26
N PRO B 39 -17.81 37.74 -32.77
CA PRO B 39 -17.77 38.98 -33.59
C PRO B 39 -16.40 39.67 -33.61
N ASP B 40 -15.61 39.51 -32.55
CA ASP B 40 -14.21 39.91 -32.57
C ASP B 40 -13.48 39.17 -33.69
N ILE B 41 -13.44 37.84 -33.56
CA ILE B 41 -12.77 36.96 -34.53
C ILE B 41 -13.34 37.05 -35.95
N GLU B 42 -14.59 37.45 -36.07
CA GLU B 42 -15.16 37.82 -37.36
C GLU B 42 -14.21 38.62 -38.25
N ASN B 43 -13.45 39.54 -37.63
CA ASN B 43 -12.55 40.44 -38.36
C ASN B 43 -11.09 39.96 -38.36
N VAL B 44 -10.91 38.65 -38.16
CA VAL B 44 -9.68 37.98 -38.54
C VAL B 44 -9.52 38.19 -40.04
N ALA B 45 -8.34 38.62 -40.42
CA ALA B 45 -8.06 39.12 -41.73
C ALA B 45 -6.88 38.37 -42.29
N ILE B 46 -6.78 38.33 -43.62
CA ILE B 46 -5.65 37.67 -44.27
C ILE B 46 -4.42 38.62 -44.26
N THR B 47 -3.29 38.13 -43.75
CA THR B 47 -2.02 38.89 -43.68
C THR B 47 -0.89 38.13 -44.37
N HIS B 48 0.09 38.86 -44.91
CA HIS B 48 1.28 38.26 -45.51
C HIS B 48 2.56 39.01 -45.16
N LYS B 49 3.27 38.44 -44.18
CA LYS B 49 4.58 38.88 -43.74
C LYS B 49 5.66 38.73 -44.81
N LYS B 50 6.58 39.68 -44.86
CA LYS B 50 7.68 39.69 -45.83
C LYS B 50 8.79 38.69 -45.45
N PRO B 51 9.36 37.98 -46.44
CA PRO B 51 10.56 37.18 -46.20
C PRO B 51 11.75 38.06 -45.92
N ASN B 52 12.58 37.73 -44.92
CA ASN B 52 13.88 38.41 -44.76
C ASN B 52 14.94 37.85 -45.71
N GLY B 53 15.52 36.70 -45.38
CA GLY B 53 16.66 36.17 -46.15
C GLY B 53 16.33 35.11 -47.17
N LEU B 54 17.30 34.27 -47.48
CA LEU B 54 17.06 33.07 -48.26
C LEU B 54 16.12 32.21 -47.43
N VAL B 55 16.54 31.89 -46.20
CA VAL B 55 15.81 30.96 -45.31
C VAL B 55 14.32 31.26 -45.31
N ASP B 56 13.97 32.52 -45.10
CA ASP B 56 12.58 32.97 -45.15
C ASP B 56 11.94 32.80 -46.53
N THR B 57 12.63 33.30 -47.55
CA THR B 57 12.14 33.13 -48.93
C THR B 57 11.98 31.65 -49.31
N LEU B 58 12.90 30.80 -48.86
CA LEU B 58 12.95 29.42 -49.28
C LEU B 58 11.81 28.63 -48.62
N ALA B 59 11.72 28.79 -47.30
CA ALA B 59 10.58 28.33 -46.53
C ALA B 59 9.24 28.77 -47.17
N TYR B 60 9.19 29.99 -47.70
CA TYR B 60 7.97 30.48 -48.35
C TYR B 60 7.68 29.81 -49.71
N ARG B 61 8.69 29.61 -50.55
CA ARG B 61 8.54 28.78 -51.74
C ARG B 61 8.01 27.37 -51.33
N SER B 62 8.72 26.74 -50.39
CA SER B 62 8.38 25.37 -49.94
C SER B 62 6.91 25.18 -49.54
N VAL B 63 6.22 26.25 -49.12
CA VAL B 63 4.79 26.19 -48.82
C VAL B 63 3.97 26.28 -50.11
N ARG B 64 4.37 27.18 -51.00
CA ARG B 64 3.63 27.48 -52.21
C ARG B 64 3.75 26.34 -53.22
N THR B 65 4.90 25.68 -53.23
CA THR B 65 5.05 24.45 -53.98
C THR B 65 4.12 23.37 -53.40
N CYS B 66 4.15 23.19 -52.08
CA CYS B 66 3.24 22.24 -51.38
C CYS B 66 1.74 22.53 -51.52
N ARG B 67 1.38 23.81 -51.78
CA ARG B 67 -0.02 24.21 -51.98
C ARG B 67 -0.43 23.97 -53.42
N TRP B 68 0.50 24.26 -54.33
CA TRP B 68 0.28 24.08 -55.77
C TRP B 68 0.10 22.61 -56.06
N LEU B 69 1.03 21.80 -55.55
CA LEU B 69 0.90 20.34 -55.55
C LEU B 69 -0.42 19.89 -54.95
N PHE B 70 -0.60 20.07 -53.64
CA PHE B 70 -1.74 19.47 -52.93
C PHE B 70 -3.09 19.86 -53.50
N ASP B 71 -3.23 21.09 -54.01
CA ASP B 71 -4.50 21.54 -54.56
C ASP B 71 -4.85 20.82 -55.85
N THR B 72 -3.92 20.80 -56.80
CA THR B 72 -4.17 20.14 -58.09
C THR B 72 -4.37 18.66 -57.87
N PHE B 73 -3.41 18.03 -57.18
CA PHE B 73 -3.50 16.58 -56.89
C PHE B 73 -4.69 16.15 -56.02
N SER B 74 -5.21 17.02 -55.15
CA SER B 74 -6.48 16.76 -54.47
C SER B 74 -7.68 17.24 -55.30
N LEU B 75 -7.52 17.35 -56.62
CA LEU B 75 -8.53 17.91 -57.54
C LEU B 75 -9.25 19.20 -57.10
N TYR B 76 -8.79 19.83 -56.01
CA TYR B 76 -9.53 20.94 -55.37
C TYR B 76 -9.77 22.03 -56.41
N ARG B 77 -8.72 22.41 -57.13
CA ARG B 77 -8.87 23.26 -58.31
C ARG B 77 -9.56 22.51 -59.44
N PHE B 78 -10.90 22.46 -59.37
CA PHE B 78 -11.74 21.80 -60.39
C PHE B 78 -13.21 22.19 -60.14
N GLY B 79 -13.61 23.33 -60.69
CA GLY B 79 -14.98 23.80 -60.54
C GLY B 79 -15.38 24.18 -59.13
N SER B 80 -16.63 23.89 -58.78
CA SER B 80 -17.31 24.48 -57.62
C SER B 80 -16.84 23.93 -56.27
N ILE B 81 -16.75 24.82 -55.28
CA ILE B 81 -16.66 24.44 -53.87
C ILE B 81 -17.84 23.57 -53.47
N THR B 82 -17.57 22.46 -52.78
CA THR B 82 -18.60 21.63 -52.14
C THR B 82 -18.25 21.51 -50.67
N GLU B 83 -19.25 21.20 -49.85
CA GLU B 83 -19.04 20.95 -48.42
C GLU B 83 -18.04 19.81 -48.18
N SER B 84 -18.19 18.70 -48.91
CA SER B 84 -17.39 17.49 -48.67
C SER B 84 -15.92 17.53 -49.14
N LYS B 85 -15.63 18.12 -50.30
CA LYS B 85 -14.23 18.24 -50.75
C LYS B 85 -13.43 19.13 -49.80
N VAL B 86 -14.12 20.10 -49.19
CA VAL B 86 -13.58 20.96 -48.14
C VAL B 86 -13.24 20.17 -46.87
N ILE B 87 -14.22 19.48 -46.30
CA ILE B 87 -13.93 18.67 -45.09
C ILE B 87 -12.83 17.64 -45.40
N SER B 88 -12.86 17.02 -46.58
CA SER B 88 -11.74 16.18 -47.02
C SER B 88 -10.44 16.98 -47.02
N ARG B 89 -10.46 18.19 -47.60
CA ARG B 89 -9.26 19.03 -47.65
C ARG B 89 -8.67 19.19 -46.26
N CYS B 90 -9.47 19.69 -45.32
CA CYS B 90 -8.94 20.17 -44.05
C CYS B 90 -8.53 19.00 -43.16
N LEU B 91 -9.40 18.01 -43.09
CA LEU B 91 -9.11 16.74 -42.44
C LEU B 91 -7.68 16.27 -42.70
N PHE B 92 -7.34 16.16 -43.98
CA PHE B 92 -5.99 15.82 -44.38
C PHE B 92 -5.00 16.82 -43.75
N LEU B 93 -5.17 18.10 -44.05
CA LEU B 93 -4.26 19.15 -43.58
C LEU B 93 -4.02 19.18 -42.06
N GLU B 94 -5.05 18.90 -41.27
CA GLU B 94 -4.88 18.88 -39.82
C GLU B 94 -4.05 17.71 -39.31
N THR B 95 -3.97 16.62 -40.08
CA THR B 95 -3.12 15.48 -39.68
C THR B 95 -1.62 15.79 -39.78
N VAL B 96 -1.27 16.82 -40.55
CA VAL B 96 0.12 17.31 -40.63
C VAL B 96 0.30 18.48 -39.70
N ALA B 97 -0.53 19.52 -39.83
CA ALA B 97 -0.69 20.58 -38.81
C ALA B 97 -0.57 20.14 -37.33
N GLY B 98 -0.87 18.88 -37.02
CA GLY B 98 -0.60 18.33 -35.69
C GLY B 98 0.87 18.19 -35.32
N VAL B 99 1.69 17.89 -36.33
CA VAL B 99 3.04 17.38 -36.12
C VAL B 99 4.06 18.43 -35.66
N PRO B 100 4.11 19.61 -36.32
CA PRO B 100 5.22 20.51 -36.07
C PRO B 100 5.11 21.24 -34.74
N GLY B 101 3.89 21.50 -34.26
CA GLY B 101 3.71 21.98 -32.90
C GLY B 101 4.37 21.03 -31.93
N MET B 102 4.19 19.72 -32.20
CA MET B 102 4.69 18.63 -31.36
C MET B 102 6.19 18.49 -31.36
N VAL B 103 6.79 18.35 -32.55
CA VAL B 103 8.26 18.18 -32.64
C VAL B 103 8.94 19.42 -32.00
N GLY B 104 8.30 20.59 -32.14
CA GLY B 104 8.77 21.82 -31.51
C GLY B 104 8.90 21.77 -30.00
N GLY B 105 7.82 21.40 -29.31
CA GLY B 105 7.85 21.17 -27.87
C GLY B 105 8.85 20.09 -27.52
N MET B 106 8.78 18.97 -28.23
CA MET B 106 9.61 17.80 -27.94
C MET B 106 11.10 18.05 -28.11
N LEU B 107 11.49 18.93 -29.05
CA LEU B 107 12.93 19.28 -29.21
C LEU B 107 13.42 20.34 -28.25
N ARG B 108 12.61 21.35 -27.95
CA ARG B 108 13.03 22.33 -26.95
C ARG B 108 13.10 21.70 -25.56
N HIS B 109 12.20 20.74 -25.30
CA HIS B 109 12.10 20.04 -24.01
C HIS B 109 13.35 19.29 -23.68
N LEU B 110 13.88 18.57 -24.66
CA LEU B 110 15.06 17.73 -24.47
C LEU B 110 16.28 18.62 -24.21
N SER B 111 16.32 19.76 -24.91
CA SER B 111 17.36 20.75 -24.74
C SER B 111 17.39 21.28 -23.31
N SER B 112 16.19 21.60 -22.81
CA SER B 112 15.96 22.08 -21.45
C SER B 112 16.50 21.12 -20.39
N LEU B 113 16.21 19.84 -20.58
CA LEU B 113 16.66 18.79 -19.66
C LEU B 113 18.13 18.49 -19.80
N ARG B 114 18.70 18.70 -21.00
CA ARG B 114 20.11 18.36 -21.25
C ARG B 114 21.07 19.47 -20.89
N TYR B 115 20.71 20.72 -21.21
CA TYR B 115 21.51 21.88 -20.80
C TYR B 115 21.05 22.46 -19.47
N MET B 116 20.06 21.87 -18.79
CA MET B 116 19.62 22.32 -17.46
C MET B 116 19.20 23.80 -17.39
N THR B 117 18.25 24.21 -18.22
CA THR B 117 17.89 25.63 -18.38
C THR B 117 16.40 25.89 -18.49
N ARG B 118 15.95 27.02 -17.92
CA ARG B 118 14.57 27.49 -18.06
C ARG B 118 14.17 27.47 -19.52
N ASP B 119 12.94 27.07 -19.81
CA ASP B 119 12.37 27.20 -21.16
C ASP B 119 11.69 28.56 -21.37
N LYS B 120 11.14 29.09 -20.28
CA LYS B 120 10.48 30.41 -20.28
C LYS B 120 9.23 30.46 -21.18
N GLY B 121 8.45 29.37 -21.16
CA GLY B 121 7.07 29.36 -21.70
C GLY B 121 6.84 29.07 -23.17
N TRP B 122 7.83 28.54 -23.89
CA TRP B 122 7.63 28.11 -25.29
C TRP B 122 6.94 26.75 -25.33
N ILE B 123 7.63 25.78 -24.70
CA ILE B 123 7.29 24.34 -24.74
C ILE B 123 5.79 24.13 -24.66
N ASN B 124 5.15 24.80 -23.70
CA ASN B 124 3.72 24.61 -23.53
C ASN B 124 2.82 25.33 -24.51
N THR B 125 3.32 26.39 -25.17
CA THR B 125 2.48 27.18 -26.07
C THR B 125 2.38 26.46 -27.41
N LEU B 126 3.48 25.81 -27.82
CA LEU B 126 3.55 24.98 -29.04
C LEU B 126 2.81 23.69 -28.82
N LEU B 127 3.05 23.06 -27.68
CA LEU B 127 2.35 21.81 -27.39
C LEU B 127 0.81 21.95 -27.46
N VAL B 128 0.25 23.12 -27.12
CA VAL B 128 -1.21 23.31 -27.24
C VAL B 128 -1.61 23.54 -28.69
N GLU B 129 -0.83 24.33 -29.43
CA GLU B 129 -0.93 24.41 -30.90
C GLU B 129 -1.06 23.00 -31.53
N ALA B 130 -0.13 22.11 -31.19
CA ALA B 130 -0.16 20.73 -31.69
C ALA B 130 -1.44 19.98 -31.30
N GLU B 131 -1.95 20.30 -30.09
CA GLU B 131 -3.26 19.83 -29.63
C GLU B 131 -4.43 20.52 -30.32
N ASN B 132 -4.35 21.83 -30.49
CA ASN B 132 -5.40 22.58 -31.15
C ASN B 132 -5.64 22.02 -32.55
N GLU B 133 -4.57 21.85 -33.35
CA GLU B 133 -4.72 21.26 -34.66
C GLU B 133 -5.29 19.87 -34.48
N ARG B 134 -4.64 19.02 -33.67
CA ARG B 134 -5.20 17.69 -33.43
C ARG B 134 -6.69 17.76 -33.10
N MET B 135 -7.14 18.79 -32.38
CA MET B 135 -8.59 18.95 -32.15
C MET B 135 -9.39 19.35 -33.41
N HIS B 136 -8.83 20.24 -34.24
CA HIS B 136 -9.48 20.56 -35.53
C HIS B 136 -9.81 19.27 -36.22
N LEU B 137 -8.78 18.43 -36.40
CA LEU B 137 -8.92 17.08 -36.89
C LEU B 137 -10.12 16.40 -36.23
N MET B 138 -10.07 16.36 -34.89
CA MET B 138 -11.00 15.55 -34.09
C MET B 138 -12.43 15.98 -34.28
N THR B 139 -12.58 17.23 -34.64
CA THR B 139 -13.83 17.75 -35.14
C THR B 139 -14.12 17.30 -36.58
N PHE B 140 -13.19 17.59 -37.49
CA PHE B 140 -13.39 17.35 -38.90
C PHE B 140 -13.79 15.90 -39.20
N ILE B 141 -13.00 14.94 -38.71
CA ILE B 141 -13.34 13.51 -38.82
C ILE B 141 -14.81 13.22 -38.45
N GLU B 142 -15.32 13.87 -37.41
CA GLU B 142 -16.73 13.77 -36.99
C GLU B 142 -17.76 14.43 -37.96
N LEU B 143 -17.30 15.13 -38.99
CA LEU B 143 -18.16 15.61 -40.10
C LEU B 143 -18.12 14.71 -41.33
N ARG B 144 -17.03 13.95 -41.51
CA ARG B 144 -16.88 13.02 -42.64
C ARG B 144 -15.85 11.92 -42.35
N GLN B 145 -16.25 10.67 -42.47
CA GLN B 145 -15.29 9.55 -42.43
C GLN B 145 -14.54 9.52 -43.78
N PRO B 146 -13.20 9.42 -43.75
CA PRO B 146 -12.40 9.30 -44.97
C PRO B 146 -12.26 7.85 -45.44
N GLY B 147 -12.12 7.67 -46.75
CA GLY B 147 -12.00 6.33 -47.34
C GLY B 147 -10.57 5.85 -47.30
N LEU B 148 -10.40 4.52 -47.43
CA LEU B 148 -9.07 3.88 -47.42
C LEU B 148 -8.00 4.55 -48.31
N PRO B 149 -8.34 4.89 -49.57
CA PRO B 149 -7.35 5.64 -50.36
C PRO B 149 -6.81 6.90 -49.64
N LEU B 150 -7.64 7.55 -48.83
CA LEU B 150 -7.22 8.72 -48.04
C LEU B 150 -6.58 8.34 -46.68
N ARG B 151 -7.12 7.30 -46.03
CA ARG B 151 -6.48 6.72 -44.82
C ARG B 151 -5.06 6.32 -45.13
N VAL B 152 -4.85 5.83 -46.36
CA VAL B 152 -3.54 5.42 -46.82
C VAL B 152 -2.63 6.63 -47.12
N SER B 153 -3.15 7.66 -47.80
CA SER B 153 -2.30 8.82 -48.06
C SER B 153 -1.85 9.48 -46.75
N ILE B 154 -2.71 9.48 -45.73
CA ILE B 154 -2.40 10.14 -44.47
C ILE B 154 -1.25 9.47 -43.72
N ILE B 155 -1.25 8.15 -43.74
CA ILE B 155 -0.28 7.37 -42.98
C ILE B 155 1.07 7.44 -43.67
N ILE B 156 1.10 7.50 -45.00
CA ILE B 156 2.39 7.74 -45.68
C ILE B 156 2.88 9.16 -45.39
N THR B 157 2.05 10.19 -45.65
CA THR B 157 2.40 11.60 -45.38
C THR B 157 3.07 11.73 -44.04
N GLN B 158 2.40 11.19 -43.02
CA GLN B 158 2.77 11.38 -41.62
C GLN B 158 4.25 11.18 -41.36
N ALA B 159 4.81 10.10 -41.90
CA ALA B 159 6.22 9.78 -41.68
C ALA B 159 7.13 10.71 -42.47
N ILE B 160 6.82 10.90 -43.76
CA ILE B 160 7.62 11.75 -44.63
C ILE B 160 7.74 13.13 -43.97
N MET B 161 6.61 13.65 -43.50
CA MET B 161 6.60 14.89 -42.74
C MET B 161 7.33 14.77 -41.40
N TYR B 162 6.87 13.88 -40.53
CA TYR B 162 7.48 13.78 -39.19
C TYR B 162 9.01 13.87 -39.25
N LEU B 163 9.61 13.09 -40.14
CA LEU B 163 11.07 13.00 -40.29
C LEU B 163 11.66 14.16 -41.11
N PHE B 164 10.85 14.80 -41.95
CA PHE B 164 11.20 16.11 -42.48
C PHE B 164 11.33 17.12 -41.34
N LEU B 165 10.26 17.27 -40.55
CA LEU B 165 10.13 18.35 -39.54
C LEU B 165 11.17 18.23 -38.46
N LEU B 166 11.40 16.97 -38.10
CA LEU B 166 12.40 16.59 -37.14
C LEU B 166 13.85 16.97 -37.57
N VAL B 167 14.26 16.63 -38.79
CA VAL B 167 15.65 16.90 -39.20
C VAL B 167 15.81 18.39 -39.51
N ALA B 168 14.82 18.97 -40.18
CA ALA B 168 14.76 20.40 -40.38
C ALA B 168 14.69 21.18 -39.07
N TYR B 169 14.06 20.66 -38.00
CA TYR B 169 14.06 21.41 -36.73
C TYR B 169 15.51 21.46 -36.24
N VAL B 170 16.04 20.29 -35.86
CA VAL B 170 17.44 20.15 -35.44
C VAL B 170 18.28 21.11 -36.27
N ILE B 171 18.19 21.00 -37.61
CA ILE B 171 18.96 21.85 -38.54
C ILE B 171 18.71 23.32 -38.26
N SER B 172 17.46 23.74 -38.40
CA SER B 172 17.12 25.18 -38.44
C SER B 172 15.69 25.43 -37.96
N PRO B 173 15.51 25.75 -36.67
CA PRO B 173 14.15 26.03 -36.20
C PRO B 173 13.49 27.23 -36.88
N ARG B 174 14.24 28.30 -37.10
CA ARG B 174 13.70 29.46 -37.80
C ARG B 174 13.00 29.06 -39.10
N PHE B 175 13.73 28.32 -39.94
CA PHE B 175 13.22 27.75 -41.19
C PHE B 175 11.88 27.07 -40.97
N VAL B 176 11.76 26.25 -39.92
CA VAL B 176 10.47 25.61 -39.60
C VAL B 176 9.42 26.66 -39.24
N HIS B 177 9.60 27.32 -38.12
CA HIS B 177 8.68 28.39 -37.69
C HIS B 177 8.26 29.39 -38.79
N ARG B 178 9.22 29.75 -39.64
CA ARG B 178 8.94 30.55 -40.82
C ARG B 178 8.03 29.76 -41.74
N PHE B 179 8.42 28.50 -42.00
CA PHE B 179 7.66 27.56 -42.83
C PHE B 179 6.22 27.38 -42.31
N VAL B 180 6.09 27.19 -41.00
CA VAL B 180 4.76 27.12 -40.38
C VAL B 180 4.02 28.46 -40.33
N GLY B 181 4.74 29.57 -40.21
CA GLY B 181 4.08 30.86 -40.29
C GLY B 181 3.39 30.91 -41.64
N TYR B 182 4.24 30.83 -42.66
CA TYR B 182 3.85 30.82 -44.07
C TYR B 182 2.85 29.75 -44.50
N LEU B 183 2.83 28.61 -43.81
CA LEU B 183 1.75 27.60 -43.98
C LEU B 183 0.41 28.11 -43.46
N GLU B 184 0.44 28.58 -42.20
CA GLU B 184 -0.77 28.97 -41.50
C GLU B 184 -1.35 30.31 -42.04
N GLU B 185 -0.60 31.03 -42.88
CA GLU B 185 -1.19 32.15 -43.64
C GLU B 185 -2.31 31.61 -44.56
N GLU B 186 -1.94 30.73 -45.50
CA GLU B 186 -2.88 29.90 -46.28
C GLU B 186 -4.04 29.33 -45.43
N ALA B 187 -3.74 28.84 -44.22
CA ALA B 187 -4.80 28.32 -43.33
C ALA B 187 -5.87 29.37 -43.14
N VAL B 188 -5.44 30.62 -42.95
CA VAL B 188 -6.36 31.76 -42.81
C VAL B 188 -7.04 32.09 -44.13
N ILE B 189 -6.29 32.12 -45.23
CA ILE B 189 -6.89 32.41 -46.55
C ILE B 189 -8.06 31.48 -46.76
N THR B 190 -7.76 30.19 -46.76
CA THR B 190 -8.76 29.17 -47.06
C THR B 190 -10.00 29.27 -46.16
N TYR B 191 -9.86 29.20 -44.83
CA TYR B 191 -11.05 29.22 -43.95
C TYR B 191 -11.85 30.55 -44.14
N THR B 192 -11.20 31.71 -44.32
CA THR B 192 -11.96 32.95 -44.57
C THR B 192 -12.88 32.74 -45.80
N GLY B 193 -12.27 32.35 -46.92
CA GLY B 193 -12.99 32.12 -48.19
C GLY B 193 -14.18 31.16 -48.11
N VAL B 194 -14.02 30.10 -47.32
CA VAL B 194 -15.11 29.20 -46.99
C VAL B 194 -16.30 29.98 -46.39
N MET B 195 -16.06 30.81 -45.37
CA MET B 195 -17.13 31.69 -44.80
C MET B 195 -17.64 32.72 -45.81
N ARG B 196 -16.79 33.08 -46.78
CA ARG B 196 -17.22 33.87 -47.92
C ARG B 196 -18.12 33.05 -48.85
N ALA B 197 -17.97 31.71 -48.89
CA ALA B 197 -18.96 30.85 -49.57
C ALA B 197 -20.28 30.71 -48.81
N ILE B 198 -20.23 30.58 -47.47
CA ILE B 198 -21.45 30.45 -46.66
C ILE B 198 -22.22 31.78 -46.64
N ASP B 199 -21.69 32.78 -45.94
CA ASP B 199 -22.19 34.16 -46.11
C ASP B 199 -21.97 34.42 -47.57
N GLU B 200 -23.06 34.66 -48.32
CA GLU B 200 -23.13 34.49 -49.79
C GLU B 200 -23.98 33.23 -50.08
N GLY B 201 -23.49 32.24 -50.83
CA GLY B 201 -24.35 31.13 -51.24
C GLY B 201 -23.72 29.88 -51.84
N ARG B 202 -22.66 30.04 -52.64
CA ARG B 202 -21.94 28.92 -53.28
C ARG B 202 -21.73 27.66 -52.42
N LEU B 203 -21.71 27.83 -51.09
CA LEU B 203 -21.81 26.73 -50.15
C LEU B 203 -23.04 26.92 -49.27
N ARG B 204 -23.87 25.87 -49.20
CA ARG B 204 -25.11 25.81 -48.41
C ARG B 204 -25.07 24.49 -47.58
N PRO B 205 -24.18 24.42 -46.57
CA PRO B 205 -23.85 23.15 -45.88
C PRO B 205 -24.95 22.54 -44.98
N THR B 206 -24.92 21.22 -44.82
CA THR B 206 -25.92 20.46 -44.03
C THR B 206 -25.51 20.06 -42.61
N LYS B 207 -24.23 20.17 -42.27
CA LYS B 207 -23.75 19.78 -40.94
C LYS B 207 -23.82 20.98 -39.99
N ASN B 208 -25.05 21.43 -39.69
CA ASN B 208 -25.26 22.58 -38.81
C ASN B 208 -25.56 22.16 -37.37
N ASP B 209 -25.64 20.85 -37.14
CA ASP B 209 -25.19 20.27 -35.89
C ASP B 209 -23.68 20.49 -35.88
N VAL B 210 -23.14 20.87 -34.71
CA VAL B 210 -21.70 20.95 -34.49
C VAL B 210 -21.31 19.78 -33.57
N PRO B 211 -20.22 19.04 -33.86
CA PRO B 211 -19.89 17.94 -32.96
C PRO B 211 -19.47 18.40 -31.56
N GLU B 212 -19.80 17.61 -30.54
CA GLU B 212 -19.59 18.03 -29.15
C GLU B 212 -18.11 18.10 -28.72
N VAL B 213 -17.20 17.45 -29.47
CA VAL B 213 -15.76 17.76 -29.30
C VAL B 213 -15.52 19.25 -29.58
N ALA B 214 -16.21 19.80 -30.58
CA ALA B 214 -16.05 21.21 -30.94
C ALA B 214 -16.62 22.21 -29.91
N ARG B 215 -17.79 21.89 -29.37
CA ARG B 215 -18.53 22.81 -28.51
C ARG B 215 -17.93 22.95 -27.11
N VAL B 216 -17.45 21.84 -26.53
CA VAL B 216 -16.81 21.98 -25.20
C VAL B 216 -15.38 22.56 -25.40
N TYR B 217 -14.60 22.01 -26.33
CA TYR B 217 -13.30 22.58 -26.68
C TYR B 217 -13.36 24.11 -26.98
N TRP B 218 -14.27 24.56 -27.87
CA TRP B 218 -14.41 26.01 -28.23
C TRP B 218 -15.52 26.77 -27.47
N ASN B 219 -16.18 26.09 -26.52
CA ASN B 219 -17.16 26.75 -25.62
C ASN B 219 -18.39 27.38 -26.34
N LEU B 220 -18.67 26.90 -27.55
CA LEU B 220 -19.75 27.43 -28.39
C LEU B 220 -21.10 26.96 -27.90
N SER B 221 -22.16 27.67 -28.30
CA SER B 221 -23.53 27.26 -28.01
C SER B 221 -23.87 25.95 -28.74
N LYS B 222 -24.87 25.24 -28.21
CA LYS B 222 -25.41 24.06 -28.89
C LYS B 222 -26.21 24.39 -30.17
N ASN B 223 -26.35 25.67 -30.50
CA ASN B 223 -26.89 26.10 -31.79
C ASN B 223 -25.92 26.96 -32.60
N ALA B 224 -24.65 26.58 -32.57
CA ALA B 224 -23.64 27.16 -33.45
C ALA B 224 -23.67 26.51 -34.85
N THR B 225 -23.37 27.30 -35.87
CA THR B 225 -23.40 26.87 -37.27
C THR B 225 -22.05 26.34 -37.79
N PHE B 226 -22.07 25.83 -39.03
CA PHE B 226 -20.86 25.45 -39.74
C PHE B 226 -19.96 26.65 -40.06
N ARG B 227 -20.56 27.83 -40.23
CA ARG B 227 -19.80 29.08 -40.33
C ARG B 227 -19.03 29.35 -39.05
N ASP B 228 -19.76 29.43 -37.93
CA ASP B 228 -19.19 29.68 -36.61
C ASP B 228 -17.97 28.79 -36.34
N LEU B 229 -18.10 27.49 -36.61
CA LEU B 229 -17.05 26.51 -36.35
C LEU B 229 -15.83 26.78 -37.23
N ILE B 230 -16.04 27.09 -38.50
CA ILE B 230 -14.93 27.46 -39.38
C ILE B 230 -14.32 28.77 -38.91
N ASN B 231 -15.15 29.67 -38.38
CA ASN B 231 -14.69 30.97 -37.85
C ASN B 231 -13.80 30.94 -36.58
N VAL B 232 -14.09 30.07 -35.60
CA VAL B 232 -13.15 29.86 -34.47
C VAL B 232 -11.88 29.16 -34.94
N ILE B 233 -12.05 28.18 -35.83
CA ILE B 233 -10.92 27.48 -36.40
C ILE B 233 -10.05 28.49 -37.15
N ARG B 234 -10.69 29.36 -37.91
CA ARG B 234 -10.01 30.42 -38.65
C ARG B 234 -9.25 31.28 -37.64
N ALA B 235 -9.93 31.69 -36.57
CA ALA B 235 -9.28 32.34 -35.40
C ALA B 235 -8.07 31.58 -34.86
N ASP B 236 -8.31 30.35 -34.41
CA ASP B 236 -7.25 29.42 -33.97
C ASP B 236 -6.04 29.38 -34.84
N GLU B 237 -6.30 29.35 -36.14
CA GLU B 237 -5.23 29.31 -37.11
C GLU B 237 -4.55 30.64 -37.24
N ALA B 238 -5.33 31.72 -37.15
CA ALA B 238 -4.78 33.07 -37.10
C ALA B 238 -3.89 33.27 -35.89
N GLU B 239 -4.24 32.67 -34.75
CA GLU B 239 -3.32 32.69 -33.60
C GLU B 239 -2.02 32.04 -33.98
N HIS B 240 -2.09 30.87 -34.60
CA HIS B 240 -0.89 30.10 -34.91
C HIS B 240 -0.03 30.80 -35.95
N ARG B 241 -0.68 31.41 -36.94
CA ARG B 241 -0.02 32.23 -37.94
C ARG B 241 1.05 33.17 -37.36
N VAL B 242 0.67 33.98 -36.36
CA VAL B 242 1.56 35.05 -35.84
C VAL B 242 2.71 34.48 -35.02
N VAL B 243 2.36 33.54 -34.12
CA VAL B 243 3.29 33.00 -33.14
C VAL B 243 4.52 32.42 -33.80
N ASN B 244 4.33 31.67 -34.88
CA ASN B 244 5.46 31.01 -35.54
C ASN B 244 6.35 32.00 -36.34
N HIS B 245 5.75 33.10 -36.83
CA HIS B 245 6.51 34.17 -37.48
C HIS B 245 7.26 34.96 -36.40
N THR B 246 6.58 35.13 -35.26
CA THR B 246 7.17 35.74 -34.09
C THR B 246 8.33 34.93 -33.53
N PHE B 247 8.23 33.61 -33.60
CA PHE B 247 9.25 32.71 -33.04
C PHE B 247 10.47 32.67 -33.96
N ALA B 248 10.23 32.39 -35.23
CA ALA B 248 11.28 32.48 -36.26
C ALA B 248 12.07 33.79 -36.17
N ASP B 249 11.34 34.92 -36.05
CA ASP B 249 11.93 36.27 -35.89
C ASP B 249 12.87 36.37 -34.69
N MET B 250 12.45 35.82 -33.55
CA MET B 250 13.30 35.83 -32.37
C MET B 250 14.53 35.03 -32.67
N HIS B 251 14.32 33.84 -33.23
CA HIS B 251 15.42 33.00 -33.71
C HIS B 251 16.35 33.71 -34.70
N GLU B 252 15.77 34.50 -35.61
CA GLU B 252 16.55 35.38 -36.50
C GLU B 252 17.37 36.37 -35.68
N LYS B 253 16.76 36.98 -34.65
CA LYS B 253 17.45 37.98 -33.82
C LYS B 253 18.15 37.35 -32.60
N ARG B 254 18.89 36.25 -32.81
CA ARG B 254 19.63 35.55 -31.75
C ARG B 254 18.94 35.65 -30.39
N LEU B 255 17.63 35.43 -30.36
CA LEU B 255 16.83 35.62 -29.15
C LEU B 255 16.11 34.33 -28.72
N GLN B 256 16.70 33.17 -29.03
CA GLN B 256 16.03 31.87 -28.85
C GLN B 256 15.53 31.72 -27.43
N ASN B 257 16.43 32.01 -26.49
CA ASN B 257 16.25 31.72 -25.07
C ASN B 257 15.56 32.83 -24.28
N SER B 258 15.14 33.91 -24.94
CA SER B 258 14.31 34.94 -24.31
C SER B 258 12.93 34.36 -24.01
N VAL B 259 12.32 34.84 -22.93
CA VAL B 259 10.97 34.45 -22.55
C VAL B 259 10.09 34.46 -23.79
N ASN B 260 9.25 33.43 -23.95
CA ASN B 260 8.22 33.44 -24.99
C ASN B 260 7.29 34.58 -24.68
N PRO B 261 7.06 35.51 -25.62
CA PRO B 261 6.30 36.68 -25.18
C PRO B 261 4.78 36.52 -25.15
N PHE B 262 4.25 35.34 -25.51
CA PHE B 262 2.81 35.09 -25.47
C PHE B 262 2.34 34.61 -24.09
N VAL B 263 3.20 34.00 -23.29
CA VAL B 263 2.78 33.65 -21.90
C VAL B 263 2.31 34.88 -21.06
N VAL B 264 2.67 36.10 -21.46
CA VAL B 264 2.08 37.30 -20.86
C VAL B 264 0.89 37.77 -21.70
N LEU B 265 1.11 37.98 -23.00
CA LEU B 265 0.09 38.49 -23.92
C LEU B 265 -1.21 37.63 -24.02
N LYS B 266 -1.20 36.45 -23.41
CA LYS B 266 -2.41 35.65 -23.20
C LYS B 266 -2.97 35.82 -21.77
N LYS B 267 -2.08 36.03 -20.79
CA LYS B 267 -2.40 36.03 -19.35
C LYS B 267 -2.64 37.38 -18.62
N ASN B 268 -1.93 38.47 -18.97
CA ASN B 268 -1.81 39.64 -18.04
C ASN B 268 -3.13 40.18 -17.43
N PRO B 269 -3.29 40.08 -16.07
CA PRO B 269 -4.54 40.47 -15.43
C PRO B 269 -4.64 41.99 -15.20
N ALA C 1 -24.48 -38.39 19.64
CA ALA C 1 -24.44 -37.41 20.77
C ALA C 1 -23.06 -36.78 20.92
N ALA C 2 -22.07 -37.66 21.05
CA ALA C 2 -20.66 -37.31 21.25
C ALA C 2 -19.84 -37.98 20.13
N VAL C 3 -19.14 -37.23 19.26
CA VAL C 3 -18.86 -35.77 19.32
C VAL C 3 -17.92 -35.48 20.52
N TRP C 4 -18.22 -34.49 21.38
CA TRP C 4 -17.41 -34.23 22.59
C TRP C 4 -18.29 -33.81 23.75
N GLY C 5 -18.61 -34.78 24.60
CA GLY C 5 -19.48 -34.56 25.75
C GLY C 5 -19.08 -35.49 26.86
N HIS C 6 -20.00 -35.64 27.82
CA HIS C 6 -19.72 -36.39 29.06
C HIS C 6 -19.08 -37.77 28.87
N THR C 7 -19.49 -38.56 27.85
CA THR C 7 -18.94 -39.92 27.66
C THR C 7 -17.42 -39.84 27.73
N GLN C 8 -16.87 -38.84 27.06
CA GLN C 8 -15.45 -38.57 27.04
C GLN C 8 -14.98 -37.77 28.27
N LEU C 9 -15.78 -36.82 28.74
CA LEU C 9 -15.46 -36.10 30.00
C LEU C 9 -15.48 -37.01 31.24
N ASN C 10 -16.19 -38.13 31.18
CA ASN C 10 -16.26 -39.09 32.30
C ASN C 10 -15.22 -40.21 32.24
N ARG C 11 -14.11 -39.97 31.54
CA ARG C 11 -13.04 -40.95 31.46
C ARG C 11 -11.89 -40.47 32.32
N LEU C 12 -10.97 -41.38 32.60
CA LEU C 12 -9.85 -41.10 33.51
C LEU C 12 -8.70 -40.50 32.73
N SER C 13 -8.32 -41.21 31.66
CA SER C 13 -7.22 -40.86 30.76
C SER C 13 -7.51 -41.32 29.33
N PHE C 14 -6.80 -40.73 28.37
CA PHE C 14 -6.80 -41.22 26.98
C PHE C 14 -5.46 -41.80 26.51
N LEU C 15 -4.41 -41.79 27.35
CA LEU C 15 -3.06 -42.30 27.00
C LEU C 15 -3.08 -43.40 25.96
N GLU C 16 -3.76 -44.49 26.30
CA GLU C 16 -4.23 -45.52 25.37
C GLU C 16 -4.34 -45.13 23.88
N THR C 17 -5.04 -44.03 23.57
CA THR C 17 -5.32 -43.64 22.17
C THR C 17 -4.23 -42.83 21.44
N VAL C 18 -3.16 -42.41 22.12
CA VAL C 18 -2.17 -41.53 21.48
C VAL C 18 -1.26 -42.21 20.44
N PRO C 19 -1.15 -43.55 20.43
CA PRO C 19 -0.55 -44.20 19.24
C PRO C 19 -1.44 -44.26 17.99
N VAL C 20 -2.67 -43.73 18.04
CA VAL C 20 -3.62 -43.90 16.92
C VAL C 20 -4.34 -42.62 16.45
N VAL C 21 -4.13 -41.48 17.09
CA VAL C 21 -4.49 -40.18 16.46
C VAL C 21 -3.34 -39.77 15.54
N PRO C 22 -3.65 -39.41 14.28
CA PRO C 22 -2.55 -39.10 13.35
C PRO C 22 -1.89 -37.74 13.59
N LEU C 23 -0.77 -37.52 12.93
CA LEU C 23 -0.09 -36.22 12.90
C LEU C 23 -0.73 -35.38 11.79
N ARG C 24 -1.66 -34.51 12.17
CA ARG C 24 -2.36 -33.65 11.23
C ARG C 24 -1.69 -32.29 11.28
N VAL C 25 -1.24 -31.83 10.12
CA VAL C 25 -0.42 -30.61 10.08
C VAL C 25 -1.22 -29.36 10.48
N SER C 26 -2.55 -29.41 10.30
CA SER C 26 -3.47 -28.37 10.79
C SER C 26 -3.48 -28.20 12.32
N ASP C 27 -3.29 -29.29 13.06
CA ASP C 27 -3.34 -29.24 14.53
C ASP C 27 -2.29 -28.33 15.17
N GLU C 28 -1.21 -28.06 14.43
CA GLU C 28 -0.11 -27.22 14.90
C GLU C 28 -0.49 -25.74 15.07
N SER C 29 -1.57 -25.33 14.40
CA SER C 29 -2.17 -24.00 14.59
C SER C 29 -3.50 -24.16 15.30
N SER C 30 -3.88 -23.12 16.04
CA SER C 30 -5.24 -22.97 16.48
C SER C 30 -6.04 -22.52 15.28
N GLU C 31 -7.32 -22.86 15.28
CA GLU C 31 -8.24 -22.61 14.13
C GLU C 31 -8.38 -21.13 13.66
N ASP C 32 -7.39 -20.30 13.99
CA ASP C 32 -7.55 -18.87 14.13
C ASP C 32 -6.55 -18.23 13.16
N ARG C 33 -6.73 -18.56 11.87
CA ARG C 33 -5.65 -18.42 10.85
C ARG C 33 -5.89 -17.25 9.91
N PRO C 34 -4.81 -16.62 9.40
CA PRO C 34 -4.96 -15.43 8.60
C PRO C 34 -5.56 -15.79 7.27
N THR C 35 -6.46 -14.94 6.79
CA THR C 35 -7.26 -15.23 5.61
C THR C 35 -7.06 -14.11 4.59
N TRP C 36 -5.83 -14.07 4.06
CA TRP C 36 -5.36 -13.02 3.12
C TRP C 36 -5.67 -13.33 1.66
N SER C 37 -6.37 -12.43 1.00
CA SER C 37 -6.41 -12.39 -0.48
C SER C 37 -5.06 -11.95 -1.05
N LEU C 38 -4.43 -12.84 -1.84
CA LEU C 38 -3.11 -12.62 -2.46
C LEU C 38 -2.97 -11.35 -3.34
N PRO C 39 -3.97 -11.04 -4.18
CA PRO C 39 -3.95 -9.74 -4.87
C PRO C 39 -3.84 -8.52 -3.94
N ASP C 40 -4.70 -8.47 -2.93
CA ASP C 40 -4.79 -7.37 -1.99
C ASP C 40 -3.49 -7.12 -1.23
N ILE C 41 -2.78 -8.19 -0.87
CA ILE C 41 -1.57 -8.08 0.00
C ILE C 41 -0.25 -7.76 -0.74
N GLU C 42 -0.34 -7.48 -2.03
CA GLU C 42 0.72 -6.81 -2.78
C GLU C 42 0.81 -5.36 -2.33
N ASN C 43 -0.34 -4.71 -2.20
CA ASN C 43 -0.43 -3.35 -1.66
C ASN C 43 -0.07 -3.17 -0.18
N VAL C 44 0.41 -4.22 0.49
CA VAL C 44 1.08 -4.05 1.78
C VAL C 44 2.38 -3.29 1.58
N ALA C 45 2.34 -2.05 2.07
CA ALA C 45 3.35 -1.08 1.85
C ALA C 45 4.45 -1.23 2.90
N ILE C 46 5.56 -0.58 2.64
CA ILE C 46 6.56 -0.29 3.64
C ILE C 46 6.13 1.07 4.16
N THR C 47 5.69 1.12 5.42
CA THR C 47 5.36 2.36 6.10
C THR C 47 6.32 2.61 7.27
N HIS C 48 6.36 3.88 7.70
CA HIS C 48 7.05 4.27 8.93
C HIS C 48 6.26 5.28 9.74
N LYS C 49 5.64 4.81 10.82
CA LYS C 49 5.07 5.71 11.81
C LYS C 49 6.24 6.33 12.60
N LYS C 50 6.44 7.64 12.45
CA LYS C 50 7.52 8.34 13.17
C LYS C 50 7.37 8.24 14.69
N PRO C 51 8.46 8.45 15.45
CA PRO C 51 8.34 8.69 16.89
C PRO C 51 7.65 10.02 17.16
N ASN C 52 6.98 10.15 18.30
CA ASN C 52 6.46 11.45 18.70
C ASN C 52 6.88 11.95 20.09
N GLY C 53 7.82 11.24 20.72
CA GLY C 53 8.44 11.75 21.93
C GLY C 53 9.61 10.91 22.38
N LEU C 54 10.07 11.21 23.58
CA LEU C 54 11.18 10.50 24.20
C LEU C 54 10.99 8.97 24.16
N VAL C 55 9.80 8.53 24.58
CA VAL C 55 9.54 7.10 24.82
C VAL C 55 9.54 6.30 23.51
N ASP C 56 8.96 6.87 22.46
CA ASP C 56 9.06 6.29 21.12
C ASP C 56 10.52 6.21 20.71
N THR C 57 11.24 7.30 20.93
CA THR C 57 12.64 7.40 20.51
C THR C 57 13.57 6.41 21.23
N LEU C 58 13.24 5.96 22.44
CA LEU C 58 14.06 4.91 23.07
C LEU C 58 13.96 3.63 22.23
N ALA C 59 12.73 3.18 22.01
CA ALA C 59 12.46 1.93 21.27
C ALA C 59 12.92 1.95 19.80
N TYR C 60 12.72 3.09 19.13
CA TYR C 60 13.21 3.32 17.77
C TYR C 60 14.72 3.11 17.70
N ARG C 61 15.44 3.80 18.59
CA ARG C 61 16.89 3.65 18.70
C ARG C 61 17.28 2.21 19.02
N SER C 62 16.52 1.57 19.91
CA SER C 62 16.75 0.18 20.30
C SER C 62 16.70 -0.79 19.12
N VAL C 63 15.69 -0.64 18.25
CA VAL C 63 15.52 -1.48 17.05
C VAL C 63 16.59 -1.23 16.01
N ARG C 64 16.91 0.03 15.75
CA ARG C 64 17.92 0.39 14.75
C ARG C 64 19.31 -0.09 15.17
N THR C 65 19.53 -0.25 16.47
CA THR C 65 20.69 -0.96 17.04
C THR C 65 20.68 -2.44 16.62
N CYS C 66 19.58 -3.14 16.91
CA CYS C 66 19.46 -4.58 16.61
C CYS C 66 19.83 -4.96 15.17
N ARG C 67 19.64 -4.03 14.24
CA ARG C 67 20.08 -4.21 12.85
C ARG C 67 21.59 -4.06 12.75
N TRP C 68 22.16 -3.02 13.38
CA TRP C 68 23.63 -2.85 13.55
C TRP C 68 24.33 -4.15 14.02
N LEU C 69 23.67 -4.91 14.91
CA LEU C 69 24.23 -6.16 15.45
C LEU C 69 24.32 -7.29 14.41
N PHE C 70 23.18 -7.87 14.03
CA PHE C 70 23.17 -9.09 13.21
C PHE C 70 23.52 -8.84 11.72
N ASP C 71 23.65 -7.57 11.30
CA ASP C 71 24.38 -7.24 10.06
C ASP C 71 25.86 -7.58 10.21
N THR C 72 26.42 -7.31 11.39
CA THR C 72 27.83 -7.58 11.69
C THR C 72 28.06 -9.03 12.12
N PHE C 73 27.41 -9.46 13.21
CA PHE C 73 27.58 -10.83 13.72
C PHE C 73 26.86 -11.87 12.85
N SER C 74 27.54 -12.25 11.76
CA SER C 74 27.02 -13.14 10.69
C SER C 74 27.82 -13.09 9.37
N LEU C 75 28.43 -11.94 9.05
CA LEU C 75 29.11 -11.67 7.76
C LEU C 75 28.30 -12.16 6.53
N TYR C 76 27.00 -11.85 6.59
CA TYR C 76 25.98 -12.36 5.66
C TYR C 76 25.18 -11.30 4.89
N ARG C 77 25.54 -10.03 5.04
CA ARG C 77 25.15 -8.98 4.10
C ARG C 77 26.29 -8.77 3.08
N PHE C 78 27.38 -9.51 3.25
CA PHE C 78 28.45 -9.66 2.24
C PHE C 78 28.01 -10.24 0.87
N GLY C 79 27.36 -11.41 0.78
CA GLY C 79 26.96 -12.29 1.90
C GLY C 79 25.52 -12.75 1.77
N SER C 80 24.61 -11.78 1.63
CA SER C 80 23.17 -12.05 1.52
C SER C 80 22.73 -12.60 0.15
N ILE C 81 23.61 -12.52 -0.85
CA ILE C 81 23.39 -13.20 -2.15
C ILE C 81 22.93 -14.66 -1.98
N THR C 82 23.47 -15.33 -0.96
CA THR C 82 23.00 -16.67 -0.58
C THR C 82 21.63 -16.57 0.10
N GLU C 83 20.64 -17.20 -0.51
CA GLU C 83 19.33 -17.44 0.13
C GLU C 83 19.46 -18.15 1.49
N SER C 84 20.37 -19.14 1.54
CA SER C 84 20.55 -19.98 2.73
C SER C 84 20.75 -19.15 4.00
N LYS C 85 21.73 -18.25 3.94
CA LYS C 85 22.10 -17.41 5.08
C LYS C 85 21.03 -16.38 5.45
N VAL C 86 20.26 -15.92 4.46
CA VAL C 86 19.17 -14.98 4.71
C VAL C 86 17.96 -15.74 5.26
N ILE C 87 17.67 -16.94 4.77
CA ILE C 87 16.63 -17.79 5.39
C ILE C 87 16.94 -17.98 6.89
N SER C 88 18.21 -18.18 7.23
CA SER C 88 18.70 -18.24 8.61
C SER C 88 18.52 -16.94 9.40
N ARG C 89 18.55 -15.79 8.73
CA ARG C 89 18.18 -14.53 9.38
C ARG C 89 16.80 -14.65 10.02
N CYS C 90 15.86 -15.23 9.28
CA CYS C 90 14.46 -15.25 9.66
C CYS C 90 14.18 -16.45 10.55
N LEU C 91 14.66 -17.63 10.13
CA LEU C 91 14.69 -18.84 10.97
C LEU C 91 15.04 -18.50 12.42
N PHE C 92 16.06 -17.67 12.58
CA PHE C 92 16.41 -17.03 13.84
C PHE C 92 15.30 -16.07 14.28
N LEU C 93 15.09 -15.01 13.51
CA LEU C 93 14.31 -13.85 13.96
C LEU C 93 12.92 -14.18 14.49
N GLU C 94 12.27 -15.19 13.93
CA GLU C 94 10.97 -15.63 14.43
C GLU C 94 11.07 -16.25 15.81
N THR C 95 12.09 -17.07 16.07
CA THR C 95 12.32 -17.65 17.43
C THR C 95 12.34 -16.60 18.55
N VAL C 96 12.56 -15.33 18.19
CA VAL C 96 12.40 -14.23 19.12
C VAL C 96 11.05 -13.55 18.96
N ALA C 97 10.57 -13.38 17.71
CA ALA C 97 9.28 -12.72 17.49
C ALA C 97 8.06 -13.45 18.11
N GLY C 98 8.20 -14.73 18.41
CA GLY C 98 7.21 -15.42 19.24
C GLY C 98 7.09 -14.91 20.68
N VAL C 99 8.10 -14.18 21.16
CA VAL C 99 8.22 -13.82 22.58
C VAL C 99 7.38 -12.59 23.05
N PRO C 100 7.47 -11.42 22.37
CA PRO C 100 6.84 -10.16 22.86
C PRO C 100 5.36 -10.17 23.28
N GLY C 101 4.55 -10.97 22.59
CA GLY C 101 3.12 -11.05 22.80
C GLY C 101 2.70 -12.22 23.66
N MET C 102 3.53 -13.28 23.70
CA MET C 102 3.34 -14.32 24.71
C MET C 102 3.45 -13.73 26.10
N VAL C 103 4.49 -12.92 26.35
CA VAL C 103 4.57 -12.22 27.67
C VAL C 103 3.43 -11.20 27.73
N GLY C 104 3.29 -10.39 26.69
CA GLY C 104 2.30 -9.34 26.71
C GLY C 104 0.92 -9.89 27.00
N GLY C 105 0.50 -10.87 26.22
CA GLY C 105 -0.79 -11.50 26.43
C GLY C 105 -0.90 -12.08 27.83
N MET C 106 0.10 -12.88 28.20
CA MET C 106 0.19 -13.47 29.52
C MET C 106 0.09 -12.43 30.64
N LEU C 107 0.79 -11.30 30.52
CA LEU C 107 0.80 -10.28 31.59
C LEU C 107 -0.57 -9.63 31.74
N ARG C 108 -1.17 -9.26 30.62
CA ARG C 108 -2.57 -8.79 30.57
C ARG C 108 -3.56 -9.86 31.06
N HIS C 109 -3.20 -11.12 30.85
CA HIS C 109 -3.95 -12.26 31.36
C HIS C 109 -3.93 -12.32 32.88
N LEU C 110 -2.75 -12.21 33.48
CA LEU C 110 -2.63 -12.21 34.95
C LEU C 110 -3.17 -10.90 35.58
N SER C 111 -3.21 -9.84 34.78
CA SER C 111 -3.82 -8.59 35.20
C SER C 111 -5.33 -8.73 35.29
N SER C 112 -5.95 -9.42 34.33
CA SER C 112 -7.38 -9.74 34.43
C SER C 112 -7.68 -10.72 35.57
N LEU C 113 -6.69 -11.50 35.98
CA LEU C 113 -6.83 -12.42 37.10
C LEU C 113 -6.85 -11.72 38.46
N ARG C 114 -5.70 -11.18 38.89
CA ARG C 114 -5.57 -10.58 40.25
C ARG C 114 -6.51 -9.38 40.53
N TYR C 115 -6.76 -8.58 39.50
CA TYR C 115 -7.68 -7.45 39.61
C TYR C 115 -9.10 -7.77 39.12
N MET C 116 -9.28 -8.93 38.47
CA MET C 116 -10.62 -9.42 38.11
C MET C 116 -11.42 -8.43 37.25
N THR C 117 -10.71 -7.67 36.40
CA THR C 117 -11.35 -6.72 35.47
C THR C 117 -11.15 -7.16 34.03
N ARG C 118 -12.05 -6.70 33.17
CA ARG C 118 -12.16 -7.18 31.79
C ARG C 118 -10.88 -6.91 30.99
N ASP C 119 -10.29 -7.97 30.44
CA ASP C 119 -9.17 -7.81 29.50
C ASP C 119 -9.56 -7.19 28.15
N LYS C 120 -10.81 -7.31 27.74
CA LYS C 120 -11.37 -6.72 26.50
C LYS C 120 -10.76 -7.19 25.16
N GLY C 121 -10.30 -8.45 25.12
CA GLY C 121 -9.79 -9.07 23.87
C GLY C 121 -8.34 -8.79 23.47
N TRP C 122 -7.61 -8.01 24.29
CA TRP C 122 -6.17 -7.78 24.09
C TRP C 122 -5.37 -9.09 24.07
N ILE C 123 -5.51 -9.88 25.15
CA ILE C 123 -4.77 -11.13 25.36
C ILE C 123 -4.75 -12.03 24.12
N ASN C 124 -5.93 -12.29 23.54
CA ASN C 124 -6.05 -13.23 22.45
C ASN C 124 -5.26 -12.78 21.21
N THR C 125 -5.50 -11.55 20.80
CA THR C 125 -4.75 -10.94 19.71
C THR C 125 -3.27 -11.23 19.91
N LEU C 126 -2.79 -10.91 21.11
CA LEU C 126 -1.36 -10.91 21.40
C LEU C 126 -0.80 -12.32 21.39
N LEU C 127 -1.67 -13.30 21.65
CA LEU C 127 -1.30 -14.72 21.62
C LEU C 127 -1.25 -15.24 20.19
N VAL C 128 -2.32 -15.05 19.43
CA VAL C 128 -2.31 -15.52 18.02
C VAL C 128 -1.05 -14.95 17.37
N GLU C 129 -0.74 -13.69 17.70
CA GLU C 129 0.50 -13.00 17.29
C GLU C 129 1.73 -13.85 17.65
N ALA C 130 1.80 -14.34 18.87
CA ALA C 130 2.92 -15.21 19.28
C ALA C 130 2.91 -16.58 18.55
N GLU C 131 1.74 -17.22 18.50
CA GLU C 131 1.55 -18.44 17.70
C GLU C 131 2.06 -18.13 16.29
N ASN C 132 1.39 -17.18 15.64
CA ASN C 132 1.70 -16.79 14.27
C ASN C 132 3.18 -16.81 13.97
N GLU C 133 3.94 -16.06 14.78
CA GLU C 133 5.36 -15.87 14.53
C GLU C 133 6.11 -17.21 14.68
N ARG C 134 5.68 -18.02 15.62
CA ARG C 134 6.26 -19.35 15.80
C ARG C 134 5.90 -20.22 14.60
N MET C 135 4.63 -20.21 14.19
CA MET C 135 4.22 -20.85 12.95
C MET C 135 5.10 -20.46 11.76
N HIS C 136 5.53 -19.18 11.67
CA HIS C 136 6.50 -18.77 10.63
C HIS C 136 7.76 -19.61 10.75
N LEU C 137 8.30 -19.68 11.96
CA LEU C 137 9.46 -20.51 12.30
C LEU C 137 9.21 -21.99 12.02
N MET C 138 7.97 -22.41 12.25
CA MET C 138 7.54 -23.76 11.93
C MET C 138 7.58 -24.02 10.43
N THR C 139 7.39 -22.96 9.64
CA THR C 139 7.63 -23.03 8.21
C THR C 139 9.12 -22.98 7.89
N PHE C 140 9.84 -22.05 8.50
CA PHE C 140 11.27 -21.89 8.22
C PHE C 140 12.10 -23.10 8.60
N ILE C 141 11.73 -23.79 9.66
CA ILE C 141 12.48 -24.96 10.11
C ILE C 141 12.53 -26.02 8.98
N GLU C 142 11.42 -26.20 8.27
CA GLU C 142 11.34 -27.09 7.09
C GLU C 142 12.43 -26.82 6.05
N LEU C 143 12.57 -25.57 5.66
CA LEU C 143 13.43 -25.21 4.54
C LEU C 143 14.89 -25.48 4.93
N ARG C 144 15.47 -24.60 5.76
CA ARG C 144 16.89 -24.67 6.16
C ARG C 144 17.06 -25.38 7.50
N GLN C 145 18.13 -26.17 7.63
CA GLN C 145 18.47 -26.91 8.85
C GLN C 145 19.62 -26.23 9.60
N PRO C 146 19.32 -25.40 10.62
CA PRO C 146 20.37 -24.56 11.22
C PRO C 146 21.41 -25.37 11.99
N GLY C 147 22.68 -25.16 11.67
CA GLY C 147 23.79 -25.88 12.31
C GLY C 147 23.99 -25.49 13.76
N LEU C 148 24.73 -26.33 14.48
CA LEU C 148 25.00 -26.19 15.93
C LEU C 148 25.10 -24.76 16.51
N PRO C 149 25.93 -23.87 15.90
CA PRO C 149 26.15 -22.54 16.53
C PRO C 149 24.89 -21.68 16.64
N LEU C 150 24.15 -21.59 15.53
CA LEU C 150 22.86 -20.90 15.52
C LEU C 150 21.94 -21.56 16.55
N ARG C 151 21.71 -22.86 16.41
CA ARG C 151 20.92 -23.66 17.37
C ARG C 151 21.16 -23.21 18.81
N VAL C 152 22.43 -23.11 19.17
CA VAL C 152 22.86 -22.57 20.46
C VAL C 152 22.50 -21.10 20.65
N SER C 153 22.99 -20.21 19.76
CA SER C 153 22.80 -18.77 19.98
C SER C 153 21.32 -18.40 19.98
N ILE C 154 20.54 -19.15 19.20
CA ILE C 154 19.07 -19.05 19.15
C ILE C 154 18.49 -19.27 20.54
N ILE C 155 18.97 -20.32 21.20
CA ILE C 155 18.60 -20.59 22.60
C ILE C 155 18.95 -19.37 23.41
N ILE C 156 20.26 -19.12 23.54
CA ILE C 156 20.77 -18.22 24.60
C ILE C 156 20.23 -16.79 24.38
N THR C 157 19.87 -16.48 23.14
CA THR C 157 19.10 -15.28 22.85
C THR C 157 17.79 -15.31 23.64
N GLN C 158 17.03 -16.39 23.48
CA GLN C 158 15.71 -16.52 24.11
C GLN C 158 15.74 -16.52 25.65
N ALA C 159 16.88 -16.86 26.23
CA ALA C 159 17.11 -16.65 27.65
C ALA C 159 17.00 -15.16 27.97
N ILE C 160 17.86 -14.38 27.31
CA ILE C 160 18.04 -12.95 27.56
C ILE C 160 16.84 -12.17 27.06
N MET C 161 16.45 -12.42 25.82
CA MET C 161 15.43 -11.61 25.16
C MET C 161 14.11 -11.67 25.89
N TYR C 162 13.72 -12.88 26.29
CA TYR C 162 12.60 -13.06 27.21
C TYR C 162 12.77 -12.14 28.41
N LEU C 163 13.90 -12.30 29.09
CA LEU C 163 14.16 -11.59 30.33
C LEU C 163 14.06 -10.08 30.13
N PHE C 164 14.61 -9.59 29.03
CA PHE C 164 14.46 -8.19 28.67
C PHE C 164 12.99 -7.88 28.42
N LEU C 165 12.40 -8.57 27.44
CA LEU C 165 10.99 -8.40 27.03
C LEU C 165 10.05 -8.40 28.23
N LEU C 166 10.28 -9.34 29.15
CA LEU C 166 9.57 -9.41 30.41
C LEU C 166 9.74 -8.12 31.21
N VAL C 167 10.94 -7.89 31.73
CA VAL C 167 11.17 -6.76 32.63
C VAL C 167 10.86 -5.42 31.94
N ALA C 168 10.97 -5.40 30.61
CA ALA C 168 10.48 -4.26 29.79
C ALA C 168 8.96 -4.11 29.85
N TYR C 169 8.25 -5.21 29.58
CA TYR C 169 6.79 -5.15 29.51
C TYR C 169 6.23 -4.69 30.85
N VAL C 170 6.80 -5.20 31.94
CA VAL C 170 6.34 -4.86 33.30
C VAL C 170 6.51 -3.35 33.55
N ILE C 171 7.65 -2.80 33.12
CA ILE C 171 7.98 -1.38 33.32
C ILE C 171 7.18 -0.49 32.37
N SER C 172 7.57 -0.44 31.11
CA SER C 172 6.86 0.34 30.07
C SER C 172 6.38 -0.64 29.00
N PRO C 173 5.06 -0.98 29.01
CA PRO C 173 4.59 -1.77 27.88
C PRO C 173 4.47 -0.90 26.61
N ARG C 174 4.29 0.41 26.80
CA ARG C 174 4.30 1.36 25.71
C ARG C 174 5.55 1.20 24.85
N PHE C 175 6.70 1.17 25.52
CA PHE C 175 7.99 0.92 24.91
C PHE C 175 8.01 -0.41 24.13
N VAL C 176 7.47 -1.48 24.71
CA VAL C 176 7.50 -2.79 24.02
C VAL C 176 6.62 -2.73 22.77
N HIS C 177 5.34 -2.42 22.95
CA HIS C 177 4.42 -2.34 21.82
C HIS C 177 4.93 -1.43 20.69
N ARG C 178 5.75 -0.43 21.01
CA ARG C 178 6.42 0.37 19.97
C ARG C 178 7.62 -0.37 19.37
N PHE C 179 8.38 -1.00 20.26
CA PHE C 179 9.52 -1.81 19.85
C PHE C 179 9.13 -3.05 19.04
N VAL C 180 7.90 -3.55 19.21
CA VAL C 180 7.33 -4.48 18.23
C VAL C 180 7.14 -3.69 16.93
N GLY C 181 6.38 -2.61 17.02
CA GLY C 181 6.14 -1.72 15.88
C GLY C 181 7.37 -1.55 14.99
N TYR C 182 8.51 -1.23 15.59
CA TYR C 182 9.70 -0.90 14.80
C TYR C 182 10.43 -2.13 14.34
N LEU C 183 10.46 -3.18 15.16
CA LEU C 183 10.86 -4.50 14.70
C LEU C 183 10.03 -4.91 13.48
N GLU C 184 8.71 -4.74 13.59
CA GLU C 184 7.84 -5.16 12.53
C GLU C 184 8.13 -4.35 11.31
N GLU C 185 8.07 -3.01 11.41
CA GLU C 185 8.36 -2.10 10.24
C GLU C 185 9.53 -2.63 9.44
N GLU C 186 10.59 -2.99 10.17
CA GLU C 186 11.73 -3.72 9.60
C GLU C 186 11.29 -5.05 8.93
N ALA C 187 10.65 -5.97 9.67
CA ALA C 187 10.18 -7.24 9.08
C ALA C 187 9.47 -7.07 7.72
N VAL C 188 8.63 -6.05 7.57
CA VAL C 188 7.93 -5.82 6.32
C VAL C 188 8.96 -5.49 5.26
N ILE C 189 9.80 -4.49 5.56
CA ILE C 189 10.91 -4.08 4.69
C ILE C 189 11.76 -5.28 4.31
N THR C 190 12.15 -6.07 5.30
CA THR C 190 12.92 -7.28 5.07
C THR C 190 12.22 -8.14 4.05
N TYR C 191 11.04 -8.63 4.42
CA TYR C 191 10.30 -9.58 3.58
C TYR C 191 9.93 -8.99 2.22
N THR C 192 9.76 -7.67 2.14
CA THR C 192 9.53 -7.00 0.87
C THR C 192 10.79 -6.95 -0.01
N GLY C 193 11.98 -6.97 0.59
CA GLY C 193 13.23 -7.12 -0.14
C GLY C 193 13.29 -8.50 -0.75
N VAL C 194 13.10 -9.50 0.09
CA VAL C 194 12.96 -10.89 -0.35
C VAL C 194 12.24 -10.98 -1.70
N MET C 195 11.10 -10.31 -1.82
CA MET C 195 10.26 -10.40 -3.02
C MET C 195 10.83 -9.56 -4.18
N ARG C 196 11.57 -8.50 -3.86
CA ARG C 196 12.39 -7.84 -4.87
C ARG C 196 13.41 -8.87 -5.36
N ALA C 197 14.05 -9.56 -4.42
CA ALA C 197 15.07 -10.57 -4.76
C ALA C 197 14.54 -11.73 -5.58
N ILE C 198 13.31 -12.17 -5.27
CA ILE C 198 12.61 -13.25 -5.98
C ILE C 198 12.27 -12.83 -7.40
N ASP C 199 11.76 -11.61 -7.54
CA ASP C 199 11.68 -10.95 -8.85
C ASP C 199 13.11 -10.76 -9.37
N GLU C 200 13.28 -10.10 -10.50
CA GLU C 200 14.53 -10.16 -11.25
C GLU C 200 14.61 -11.64 -11.64
N GLY C 201 15.55 -12.40 -11.06
CA GLY C 201 15.38 -13.84 -10.87
C GLY C 201 16.44 -14.45 -9.97
N ARG C 202 16.84 -13.73 -8.92
CA ARG C 202 18.01 -14.08 -8.09
C ARG C 202 17.73 -15.19 -7.08
N LEU C 203 16.50 -15.23 -6.59
CA LEU C 203 16.02 -16.38 -5.82
C LEU C 203 15.12 -17.17 -6.76
N ARG C 204 15.38 -18.47 -6.84
CA ARG C 204 14.82 -19.34 -7.90
C ARG C 204 13.70 -20.19 -7.28
N PRO C 205 13.01 -21.00 -8.12
CA PRO C 205 12.13 -22.05 -7.58
C PRO C 205 12.88 -23.39 -7.30
N THR C 206 13.77 -23.37 -6.31
CA THR C 206 14.48 -24.60 -5.85
C THR C 206 13.57 -25.32 -4.87
N LYS C 207 13.05 -24.56 -3.92
CA LYS C 207 11.78 -24.87 -3.28
C LYS C 207 10.69 -24.25 -4.16
N ASN C 208 10.48 -24.86 -5.32
CA ASN C 208 9.26 -24.65 -6.11
C ASN C 208 8.08 -25.23 -5.34
N ASP C 209 8.34 -26.31 -4.59
CA ASP C 209 7.42 -26.75 -3.55
C ASP C 209 7.72 -26.01 -2.26
N VAL C 210 6.64 -25.69 -1.54
CA VAL C 210 6.66 -24.91 -0.32
C VAL C 210 6.08 -25.80 0.80
N PRO C 211 6.60 -25.67 2.04
CA PRO C 211 6.15 -26.44 3.22
C PRO C 211 4.62 -26.61 3.45
N GLU C 212 4.26 -27.70 4.14
CA GLU C 212 2.88 -28.17 4.21
C GLU C 212 2.05 -27.65 5.44
N VAL C 213 2.74 -27.19 6.50
CA VAL C 213 2.11 -26.28 7.49
C VAL C 213 1.62 -24.98 6.85
N ALA C 214 2.41 -24.44 5.92
CA ALA C 214 2.13 -23.12 5.35
C ALA C 214 0.94 -23.20 4.41
N ARG C 215 0.89 -24.29 3.65
CA ARG C 215 -0.23 -24.59 2.79
C ARG C 215 -1.56 -24.43 3.53
N VAL C 216 -1.67 -25.07 4.70
CA VAL C 216 -2.94 -25.12 5.46
C VAL C 216 -3.09 -24.04 6.53
N TYR C 217 -1.98 -23.42 6.97
CA TYR C 217 -2.08 -22.23 7.82
C TYR C 217 -2.67 -21.06 7.01
N TRP C 218 -2.09 -20.81 5.84
CA TRP C 218 -2.53 -19.71 4.99
C TRP C 218 -3.57 -20.08 3.94
N ASN C 219 -3.89 -21.37 3.84
CA ASN C 219 -4.78 -21.93 2.81
C ASN C 219 -4.28 -21.60 1.42
N LEU C 220 -2.96 -21.64 1.28
CA LEU C 220 -2.37 -21.46 0.00
C LEU C 220 -2.82 -22.63 -0.83
N SER C 221 -2.90 -22.40 -2.13
CA SER C 221 -3.30 -23.43 -3.05
C SER C 221 -2.15 -24.38 -3.30
N LYS C 222 -2.48 -25.46 -4.00
CA LYS C 222 -1.48 -26.43 -4.45
C LYS C 222 -0.47 -25.69 -5.36
N ASN C 223 -0.96 -24.70 -6.13
CA ASN C 223 -0.13 -23.85 -7.01
C ASN C 223 0.89 -23.04 -6.18
N ALA C 224 0.68 -21.73 -6.05
CA ALA C 224 1.21 -20.95 -4.93
C ALA C 224 2.73 -21.08 -4.79
N THR C 225 3.47 -20.23 -5.48
CA THR C 225 4.93 -20.32 -5.45
C THR C 225 5.41 -19.81 -4.10
N PHE C 226 6.62 -20.23 -3.74
CA PHE C 226 7.35 -19.72 -2.58
C PHE C 226 7.20 -18.21 -2.40
N ARG C 227 7.06 -17.46 -3.49
CA ARG C 227 6.86 -16.02 -3.37
C ARG C 227 5.54 -15.71 -2.63
N ASP C 228 4.44 -16.25 -3.14
CA ASP C 228 3.09 -16.02 -2.55
C ASP C 228 3.04 -16.30 -1.04
N LEU C 229 3.78 -17.34 -0.63
CA LEU C 229 3.98 -17.68 0.77
C LEU C 229 4.70 -16.54 1.48
N ILE C 230 5.80 -16.05 0.91
CA ILE C 230 6.49 -14.90 1.48
C ILE C 230 5.54 -13.69 1.54
N ASN C 231 4.69 -13.55 0.54
CA ASN C 231 3.74 -12.44 0.49
C ASN C 231 2.69 -12.45 1.64
N VAL C 232 2.33 -13.63 2.15
CA VAL C 232 1.52 -13.69 3.39
C VAL C 232 2.40 -13.38 4.61
N ILE C 233 3.48 -14.12 4.78
CA ILE C 233 4.41 -13.87 5.88
C ILE C 233 4.71 -12.36 5.96
N ARG C 234 4.74 -11.70 4.80
CA ARG C 234 4.77 -10.24 4.77
C ARG C 234 3.54 -9.60 5.45
N ALA C 235 2.34 -9.91 4.95
CA ALA C 235 1.12 -9.27 5.43
C ALA C 235 0.98 -9.41 6.94
N ASP C 236 1.12 -10.65 7.40
CA ASP C 236 1.22 -10.99 8.83
C ASP C 236 2.05 -9.99 9.66
N GLU C 237 3.29 -9.76 9.25
CA GLU C 237 4.19 -8.90 10.03
C GLU C 237 3.73 -7.44 10.01
N ALA C 238 3.00 -7.05 8.97
CA ALA C 238 2.40 -5.72 8.89
C ALA C 238 1.22 -5.58 9.85
N GLU C 239 0.36 -6.60 9.91
CA GLU C 239 -0.79 -6.53 10.83
C GLU C 239 -0.33 -6.24 12.24
N HIS C 240 0.74 -6.90 12.64
CA HIS C 240 1.30 -6.67 13.95
C HIS C 240 1.81 -5.24 14.00
N ARG C 241 2.63 -4.89 13.01
CA ARG C 241 3.20 -3.54 12.83
C ARG C 241 2.23 -2.40 13.16
N VAL C 242 0.99 -2.50 12.69
CA VAL C 242 -0.01 -1.46 12.96
C VAL C 242 -0.77 -1.71 14.27
N VAL C 243 -0.94 -2.99 14.62
CA VAL C 243 -1.54 -3.38 15.91
C VAL C 243 -0.70 -2.82 17.06
N ASN C 244 0.56 -3.21 17.10
CA ASN C 244 1.41 -2.82 18.20
C ASN C 244 1.68 -1.31 18.24
N HIS C 245 1.74 -0.64 17.10
CA HIS C 245 1.78 0.83 17.11
C HIS C 245 0.50 1.37 17.71
N THR C 246 -0.60 0.71 17.39
CA THR C 246 -1.89 1.07 17.94
C THR C 246 -1.90 0.91 19.46
N PHE C 247 -1.39 -0.20 19.95
CA PHE C 247 -1.36 -0.48 21.39
C PHE C 247 -0.52 0.60 22.07
N ALA C 248 0.76 0.68 21.67
CA ALA C 248 1.67 1.70 22.17
C ALA C 248 1.08 3.11 22.13
N ASP C 249 0.31 3.40 21.09
CA ASP C 249 -0.47 4.65 21.06
C ASP C 249 -1.46 4.74 22.23
N MET C 250 -2.31 3.71 22.36
CA MET C 250 -3.37 3.68 23.38
C MET C 250 -2.79 3.76 24.78
N HIS C 251 -1.66 3.08 24.99
CA HIS C 251 -0.92 3.20 26.23
C HIS C 251 -0.63 4.68 26.52
N GLU C 252 0.01 5.35 25.56
CA GLU C 252 0.37 6.78 25.64
C GLU C 252 -0.83 7.66 25.98
N LYS C 253 -1.95 7.41 25.30
CA LYS C 253 -3.21 8.11 25.57
C LYS C 253 -3.97 7.60 26.81
N ARG C 254 -3.37 6.71 27.60
CA ARG C 254 -3.95 6.19 28.85
C ARG C 254 -5.23 5.40 28.57
N LEU C 255 -5.15 4.49 27.60
CA LEU C 255 -6.29 3.67 27.16
C LEU C 255 -5.93 2.18 27.21
N GLN C 256 -5.09 1.80 28.18
CA GLN C 256 -4.58 0.42 28.30
C GLN C 256 -5.77 -0.51 28.45
N ASN C 257 -6.65 -0.10 29.34
CA ASN C 257 -7.84 -0.85 29.69
C ASN C 257 -9.09 -0.28 28.99
N SER C 258 -8.94 0.13 27.73
CA SER C 258 -10.05 0.28 26.78
C SER C 258 -10.13 -1.04 26.05
N VAL C 259 -11.10 -1.18 25.14
CA VAL C 259 -11.15 -2.39 24.32
C VAL C 259 -10.04 -2.37 23.27
N ASN C 260 -9.36 -3.50 23.11
CA ASN C 260 -8.53 -3.77 21.94
C ASN C 260 -9.43 -3.71 20.72
N PRO C 261 -9.25 -2.67 19.87
CA PRO C 261 -10.23 -2.43 18.82
C PRO C 261 -10.10 -3.35 17.60
N PHE C 262 -9.04 -4.18 17.55
CA PHE C 262 -8.85 -5.05 16.39
C PHE C 262 -9.76 -6.25 16.35
N VAL C 263 -10.37 -6.60 17.48
CA VAL C 263 -11.44 -7.62 17.52
C VAL C 263 -12.67 -7.19 16.72
N VAL C 264 -13.01 -5.91 16.72
CA VAL C 264 -14.27 -5.47 16.12
C VAL C 264 -14.14 -5.37 14.59
N LEU C 265 -13.10 -4.68 14.10
CA LEU C 265 -12.91 -4.56 12.64
C LEU C 265 -12.44 -5.83 11.90
N LYS C 266 -11.72 -6.74 12.57
CA LYS C 266 -11.48 -8.07 11.99
C LYS C 266 -12.78 -8.89 11.89
N LYS C 267 -13.63 -8.79 12.91
CA LYS C 267 -14.98 -9.37 12.95
C LYS C 267 -15.90 -8.69 11.92
N ASN C 268 -16.30 -7.44 12.17
CA ASN C 268 -17.21 -6.68 11.28
C ASN C 268 -17.30 -5.20 11.68
N PRO C 269 -16.91 -4.27 10.79
CA PRO C 269 -17.09 -2.84 11.11
C PRO C 269 -18.54 -2.34 10.93
N GLU C 270 -18.99 -1.51 11.88
CA GLU C 270 -20.09 -0.57 11.64
C GLU C 270 -19.59 0.80 11.12
N GLU C 271 -18.79 1.58 11.86
CA GLU C 271 -18.25 1.30 13.21
C GLU C 271 -19.09 1.96 14.30
N ALA D 2 -11.87 -7.77 1.19
CA ALA D 2 -13.26 -7.84 1.76
C ALA D 2 -13.49 -6.76 2.84
N VAL D 3 -13.02 -7.00 4.06
CA VAL D 3 -12.94 -5.94 5.11
C VAL D 3 -11.68 -5.93 6.01
N TRP D 4 -10.82 -6.96 5.93
CA TRP D 4 -9.52 -6.89 6.58
C TRP D 4 -8.38 -7.15 5.58
N GLY D 5 -7.92 -6.06 4.95
CA GLY D 5 -6.81 -6.11 3.99
C GLY D 5 -6.02 -4.80 3.90
N HIS D 6 -5.10 -4.75 2.94
CA HIS D 6 -4.05 -3.72 2.84
C HIS D 6 -4.44 -2.33 3.34
N THR D 7 -5.63 -1.88 2.95
CA THR D 7 -6.18 -0.58 3.31
C THR D 7 -6.04 -0.29 4.81
N GLN D 8 -6.14 -1.34 5.62
CA GLN D 8 -5.92 -1.29 7.07
C GLN D 8 -4.50 -1.68 7.47
N LEU D 9 -3.92 -2.67 6.81
CA LEU D 9 -2.54 -3.11 7.08
C LEU D 9 -1.48 -2.01 6.92
N ASN D 10 -1.80 -0.99 6.12
CA ASN D 10 -0.95 0.16 5.88
C ASN D 10 -1.34 1.42 6.62
N ARG D 11 -2.34 1.34 7.50
CA ARG D 11 -2.54 2.39 8.47
C ARG D 11 -1.34 2.38 9.39
N LEU D 12 -1.02 3.56 9.92
CA LEU D 12 0.12 3.69 10.80
C LEU D 12 -0.38 3.14 12.09
N SER D 13 -1.42 3.78 12.62
CA SER D 13 -2.06 3.36 13.86
C SER D 13 -3.55 3.43 13.77
N PHE D 14 -4.21 2.75 14.70
CA PHE D 14 -5.66 2.82 14.85
C PHE D 14 -6.06 3.49 16.18
N LEU D 15 -5.21 4.36 16.72
CA LEU D 15 -5.50 5.08 17.96
C LEU D 15 -6.83 5.82 17.89
N GLU D 16 -7.05 6.52 16.78
CA GLU D 16 -8.24 7.36 16.59
C GLU D 16 -9.55 6.60 16.30
N THR D 17 -9.55 5.27 16.42
CA THR D 17 -10.75 4.47 16.14
C THR D 17 -11.50 3.95 17.41
N VAL D 18 -10.96 4.19 18.62
CA VAL D 18 -11.57 3.63 19.86
C VAL D 18 -12.80 4.41 20.31
N PRO D 19 -12.83 5.74 20.12
CA PRO D 19 -14.11 6.42 20.37
C PRO D 19 -15.34 5.77 19.69
N VAL D 20 -15.12 5.06 18.57
CA VAL D 20 -16.21 4.46 17.80
C VAL D 20 -16.31 2.92 17.81
N VAL D 21 -15.38 2.21 18.45
CA VAL D 21 -15.58 0.74 18.66
C VAL D 21 -16.51 0.46 19.86
N PRO D 22 -17.61 -0.29 19.65
CA PRO D 22 -18.48 -0.60 20.78
C PRO D 22 -17.90 -1.67 21.70
N LEU D 23 -18.43 -1.74 22.92
CA LEU D 23 -18.03 -2.75 23.90
C LEU D 23 -18.96 -3.96 23.77
N ARG D 24 -18.38 -5.10 23.38
CA ARG D 24 -19.12 -6.36 23.29
C ARG D 24 -18.44 -7.42 24.17
N VAL D 25 -19.24 -8.27 24.78
CA VAL D 25 -18.72 -9.29 25.68
C VAL D 25 -18.49 -10.62 24.94
N SER D 26 -18.91 -10.70 23.68
CA SER D 26 -18.38 -11.67 22.69
C SER D 26 -16.88 -11.54 22.49
N ASP D 27 -16.36 -10.31 22.61
CA ASP D 27 -14.92 -10.04 22.45
C ASP D 27 -14.06 -10.58 23.60
N GLU D 28 -14.65 -10.78 24.77
CA GLU D 28 -13.87 -10.99 25.99
C GLU D 28 -12.98 -12.24 25.97
N SER D 29 -13.24 -13.17 25.06
CA SER D 29 -12.46 -14.39 24.92
C SER D 29 -12.14 -14.68 23.46
N SER D 30 -11.09 -15.48 23.26
CA SER D 30 -10.82 -16.20 22.01
C SER D 30 -12.07 -16.88 21.54
N GLU D 31 -12.17 -16.99 20.22
CA GLU D 31 -13.36 -17.52 19.58
C GLU D 31 -13.58 -19.03 19.84
N ASP D 32 -12.57 -19.74 20.34
CA ASP D 32 -12.71 -21.17 20.60
C ASP D 32 -13.43 -21.41 21.94
N ARG D 33 -14.76 -21.30 21.91
CA ARG D 33 -15.59 -21.36 23.11
C ARG D 33 -16.00 -22.81 23.43
N PRO D 34 -16.74 -23.02 24.55
CA PRO D 34 -17.25 -24.33 24.88
C PRO D 34 -18.75 -24.45 24.60
N THR D 35 -19.10 -25.54 23.92
CA THR D 35 -20.40 -25.73 23.29
C THR D 35 -20.97 -27.05 23.79
N TRP D 36 -21.71 -26.96 24.89
CA TRP D 36 -22.29 -28.10 25.59
C TRP D 36 -23.74 -28.30 25.28
N SER D 37 -24.21 -29.53 25.51
CA SER D 37 -25.64 -29.84 25.55
C SER D 37 -26.02 -30.14 26.99
N LEU D 38 -26.62 -29.13 27.65
CA LEU D 38 -27.12 -29.28 29.00
C LEU D 38 -27.54 -30.75 29.29
N PRO D 39 -28.54 -31.31 28.57
CA PRO D 39 -28.97 -32.70 28.84
C PRO D 39 -27.85 -33.72 29.03
N ASP D 40 -26.84 -33.63 28.17
CA ASP D 40 -25.68 -34.53 28.20
C ASP D 40 -24.82 -34.20 29.40
N ILE D 41 -24.46 -32.93 29.55
CA ILE D 41 -23.51 -32.55 30.60
C ILE D 41 -24.10 -32.78 31.99
N GLU D 42 -25.42 -32.67 32.13
CA GLU D 42 -26.09 -33.18 33.35
C GLU D 42 -25.59 -34.56 33.80
N ASN D 43 -25.32 -35.43 32.82
CA ASN D 43 -24.75 -36.77 33.03
C ASN D 43 -23.25 -36.80 33.38
N VAL D 44 -22.60 -35.65 33.57
CA VAL D 44 -21.18 -35.62 33.97
C VAL D 44 -21.07 -36.18 35.38
N ALA D 45 -19.97 -36.90 35.63
CA ALA D 45 -19.75 -37.64 36.87
C ALA D 45 -18.53 -37.14 37.64
N ILE D 46 -18.51 -37.45 38.92
CA ILE D 46 -17.31 -37.40 39.75
C ILE D 46 -16.46 -38.66 39.46
N THR D 47 -15.20 -38.46 39.08
CA THR D 47 -14.23 -39.55 38.91
C THR D 47 -13.12 -39.39 39.95
N HIS D 48 -12.40 -40.48 40.17
CA HIS D 48 -11.10 -40.44 40.78
C HIS D 48 -10.22 -41.45 40.08
N LYS D 49 -9.03 -40.98 39.70
CA LYS D 49 -7.99 -41.80 39.16
C LYS D 49 -7.02 -42.12 40.29
N LYS D 50 -6.65 -43.40 40.40
CA LYS D 50 -5.68 -43.84 41.39
C LYS D 50 -4.29 -43.21 41.16
N PRO D 51 -3.70 -42.57 42.20
CA PRO D 51 -2.29 -42.21 42.11
C PRO D 51 -1.44 -43.47 41.98
N ASN D 52 -0.68 -43.57 40.89
CA ASN D 52 0.05 -44.79 40.57
C ASN D 52 1.57 -44.56 40.58
N GLY D 53 2.09 -44.17 41.74
CA GLY D 53 3.52 -43.95 41.97
C GLY D 53 3.78 -42.68 42.75
N LEU D 54 5.05 -42.37 42.96
CA LEU D 54 5.47 -41.23 43.79
C LEU D 54 4.81 -39.90 43.40
N VAL D 55 5.09 -39.45 42.18
CA VAL D 55 4.67 -38.13 41.69
C VAL D 55 3.15 -37.96 41.80
N ASP D 56 2.42 -38.98 41.36
CA ASP D 56 0.96 -38.96 41.38
C ASP D 56 0.42 -38.78 42.82
N THR D 57 1.01 -39.49 43.79
CA THR D 57 0.73 -39.25 45.21
C THR D 57 1.12 -37.83 45.61
N LEU D 58 2.39 -37.48 45.34
CA LEU D 58 2.93 -36.17 45.69
C LEU D 58 2.03 -35.04 45.19
N ALA D 59 1.43 -35.25 44.01
CA ALA D 59 0.39 -34.35 43.49
C ALA D 59 -0.84 -34.42 44.40
N TYR D 60 -1.36 -35.63 44.60
CA TYR D 60 -2.59 -35.86 45.39
C TYR D 60 -2.52 -35.24 46.80
N ARG D 61 -1.45 -35.56 47.54
CA ARG D 61 -1.25 -35.02 48.90
C ARG D 61 -1.36 -33.51 48.89
N SER D 62 -0.54 -32.89 48.05
CA SER D 62 -0.39 -31.45 47.98
C SER D 62 -1.67 -30.72 47.60
N VAL D 63 -2.61 -31.40 46.91
CA VAL D 63 -3.93 -30.82 46.68
C VAL D 63 -4.70 -30.83 48.00
N ARG D 64 -4.80 -32.00 48.62
CA ARG D 64 -5.47 -32.16 49.93
C ARG D 64 -4.99 -31.14 50.96
N THR D 65 -3.69 -30.83 50.93
CA THR D 65 -3.13 -29.73 51.71
C THR D 65 -3.86 -28.41 51.43
N CYS D 66 -3.97 -28.07 50.14
CA CYS D 66 -4.61 -26.82 49.72
C CYS D 66 -6.09 -26.69 50.07
N ARG D 67 -6.78 -27.81 50.32
CA ARG D 67 -8.15 -27.77 50.85
C ARG D 67 -8.09 -27.47 52.35
N TRP D 68 -7.22 -28.18 53.07
CA TRP D 68 -7.02 -27.93 54.52
C TRP D 68 -6.73 -26.43 54.76
N LEU D 69 -5.80 -25.88 53.98
CA LEU D 69 -5.51 -24.43 53.98
C LEU D 69 -6.79 -23.59 53.90
N PHE D 70 -7.54 -23.82 52.82
CA PHE D 70 -8.64 -22.94 52.42
C PHE D 70 -9.93 -23.17 53.22
N ASP D 71 -10.18 -24.42 53.64
CA ASP D 71 -11.30 -24.73 54.55
C ASP D 71 -11.22 -23.92 55.84
N THR D 72 -10.01 -23.87 56.41
CA THR D 72 -9.76 -23.26 57.72
C THR D 72 -9.76 -21.72 57.71
N PHE D 73 -9.06 -21.12 56.75
CA PHE D 73 -8.87 -19.65 56.73
C PHE D 73 -10.03 -18.84 56.13
N SER D 74 -11.06 -19.50 55.60
CA SER D 74 -12.31 -18.84 55.19
C SER D 74 -13.44 -18.98 56.22
N LEU D 75 -13.21 -19.74 57.30
CA LEU D 75 -14.22 -20.02 58.34
C LEU D 75 -15.44 -20.70 57.70
N TYR D 76 -15.17 -21.83 57.03
CA TYR D 76 -16.08 -22.43 56.04
C TYR D 76 -17.02 -23.51 56.57
N ARG D 77 -16.50 -24.36 57.45
CA ARG D 77 -17.29 -25.47 58.04
C ARG D 77 -18.11 -25.00 59.26
N PHE D 78 -17.84 -23.78 59.72
CA PHE D 78 -18.63 -23.08 60.75
C PHE D 78 -20.07 -22.93 60.25
N GLY D 79 -20.21 -22.39 59.05
CA GLY D 79 -21.43 -22.50 58.25
C GLY D 79 -21.24 -23.68 57.30
N SER D 80 -21.31 -23.50 55.96
CA SER D 80 -21.57 -22.23 55.26
C SER D 80 -22.94 -22.26 54.59
N ILE D 81 -23.98 -21.99 55.39
CA ILE D 81 -25.35 -21.85 54.88
C ILE D 81 -25.61 -20.46 54.27
N THR D 82 -24.77 -19.46 54.57
CA THR D 82 -24.76 -18.22 53.79
C THR D 82 -24.27 -18.55 52.38
N GLU D 83 -24.88 -17.90 51.39
CA GLU D 83 -24.60 -18.17 49.99
C GLU D 83 -23.15 -17.83 49.60
N SER D 84 -22.74 -16.61 49.91
CA SER D 84 -21.50 -16.02 49.40
C SER D 84 -20.22 -16.80 49.70
N LYS D 85 -20.17 -17.51 50.82
CA LYS D 85 -18.97 -18.31 51.17
C LYS D 85 -18.70 -19.52 50.24
N VAL D 86 -19.61 -19.79 49.31
CA VAL D 86 -19.31 -20.67 48.17
C VAL D 86 -18.79 -19.82 47.01
N ILE D 87 -19.43 -18.69 46.72
CA ILE D 87 -19.09 -17.86 45.54
C ILE D 87 -17.78 -17.09 45.77
N SER D 88 -17.69 -16.40 46.91
CA SER D 88 -16.44 -15.80 47.40
C SER D 88 -15.30 -16.83 47.38
N ARG D 89 -15.64 -18.08 47.66
CA ARG D 89 -14.71 -19.20 47.47
C ARG D 89 -14.40 -19.47 45.99
N CYS D 90 -15.44 -19.68 45.17
CA CYS D 90 -15.29 -20.04 43.75
C CYS D 90 -14.39 -19.03 43.05
N LEU D 91 -14.81 -17.77 43.14
CA LEU D 91 -14.09 -16.60 42.63
C LEU D 91 -12.60 -16.68 42.97
N PHE D 92 -12.29 -16.86 44.26
CA PHE D 92 -10.91 -16.96 44.69
C PHE D 92 -10.15 -18.11 43.99
N LEU D 93 -10.76 -19.29 43.96
CA LEU D 93 -10.17 -20.46 43.27
C LEU D 93 -9.95 -20.19 41.77
N GLU D 94 -10.86 -19.44 41.15
CA GLU D 94 -10.78 -19.13 39.73
C GLU D 94 -9.71 -18.11 39.35
N THR D 95 -9.14 -17.40 40.33
CA THR D 95 -8.00 -16.50 40.07
C THR D 95 -6.76 -17.36 39.86
N VAL D 96 -6.68 -18.45 40.61
CA VAL D 96 -5.51 -19.32 40.60
C VAL D 96 -5.67 -20.40 39.53
N ALA D 97 -6.91 -20.79 39.22
CA ALA D 97 -7.18 -21.72 38.14
C ALA D 97 -6.62 -21.18 36.81
N GLY D 98 -6.90 -19.92 36.52
CA GLY D 98 -6.39 -19.26 35.32
C GLY D 98 -4.88 -19.06 35.17
N VAL D 99 -4.08 -19.55 36.11
CA VAL D 99 -2.62 -19.61 35.93
C VAL D 99 -2.14 -20.88 35.17
N PRO D 100 -2.13 -22.09 35.82
CA PRO D 100 -1.40 -23.29 35.33
C PRO D 100 -1.36 -23.55 33.83
N GLY D 101 -2.50 -23.48 33.17
CA GLY D 101 -2.54 -23.59 31.71
C GLY D 101 -1.60 -22.61 31.02
N MET D 102 -1.59 -21.36 31.49
CA MET D 102 -0.73 -20.31 30.94
C MET D 102 0.73 -20.73 30.97
N VAL D 103 1.28 -21.02 32.16
CA VAL D 103 2.72 -21.38 32.27
C VAL D 103 3.08 -22.64 31.47
N GLY D 104 2.11 -23.56 31.33
CA GLY D 104 2.29 -24.79 30.56
C GLY D 104 2.15 -24.67 29.04
N GLY D 105 1.63 -23.56 28.55
CA GLY D 105 1.67 -23.23 27.14
C GLY D 105 2.85 -22.30 26.87
N MET D 106 2.85 -21.19 27.61
CA MET D 106 3.98 -20.26 27.72
C MET D 106 5.36 -20.96 27.76
N LEU D 107 5.44 -22.20 28.25
CA LEU D 107 6.71 -22.95 28.25
C LEU D 107 6.88 -23.92 27.06
N ARG D 108 5.84 -24.71 26.77
CA ARG D 108 5.83 -25.55 25.56
C ARG D 108 6.01 -24.73 24.26
N HIS D 109 5.45 -23.53 24.29
CA HIS D 109 5.71 -22.48 23.30
C HIS D 109 7.19 -22.17 23.20
N LEU D 110 7.80 -21.78 24.33
CA LEU D 110 9.20 -21.34 24.29
C LEU D 110 10.15 -22.45 23.84
N SER D 111 9.92 -23.69 24.24
CA SER D 111 10.66 -24.81 23.63
C SER D 111 10.50 -24.74 22.12
N SER D 112 9.25 -24.89 21.67
CA SER D 112 8.91 -24.91 20.25
C SER D 112 9.80 -23.94 19.52
N LEU D 113 9.77 -22.68 19.97
CA LEU D 113 10.62 -21.62 19.42
C LEU D 113 12.08 -22.06 19.42
N ARG D 114 12.70 -22.13 20.60
CA ARG D 114 14.15 -22.33 20.70
C ARG D 114 14.69 -23.69 20.24
N TYR D 115 13.85 -24.72 20.19
CA TYR D 115 14.28 -26.00 19.61
C TYR D 115 13.86 -26.12 18.15
N MET D 116 12.92 -25.27 17.72
CA MET D 116 12.47 -25.23 16.34
C MET D 116 11.93 -26.61 16.05
N THR D 117 10.86 -26.91 16.78
CA THR D 117 10.16 -28.19 16.77
C THR D 117 8.68 -27.91 16.77
N ARG D 118 7.90 -28.85 16.29
CA ARG D 118 6.46 -28.81 16.51
C ARG D 118 6.08 -28.86 18.00
N ASP D 119 4.85 -28.43 18.27
CA ASP D 119 4.16 -28.65 19.54
C ASP D 119 3.17 -29.79 19.42
N LYS D 120 2.58 -29.91 18.22
CA LYS D 120 1.44 -30.79 17.94
C LYS D 120 0.24 -30.48 18.85
N GLY D 121 -0.08 -29.19 18.95
CA GLY D 121 -1.38 -28.74 19.44
C GLY D 121 -1.64 -28.70 20.93
N TRP D 122 -0.63 -28.97 21.76
CA TRP D 122 -0.80 -28.90 23.21
C TRP D 122 -1.16 -27.45 23.61
N ILE D 123 -0.29 -26.53 23.24
CA ILE D 123 -0.39 -25.12 23.61
C ILE D 123 -1.83 -24.62 23.63
N ASN D 124 -2.51 -24.59 22.48
CA ASN D 124 -3.84 -23.97 22.43
C ASN D 124 -5.01 -24.78 23.05
N THR D 125 -4.73 -25.97 23.60
CA THR D 125 -5.60 -26.56 24.63
C THR D 125 -5.38 -25.79 25.90
N LEU D 126 -4.10 -25.60 26.23
CA LEU D 126 -3.64 -25.06 27.52
C LEU D 126 -3.93 -23.57 27.63
N LEU D 127 -3.63 -22.83 26.58
CA LEU D 127 -3.90 -21.39 26.57
C LEU D 127 -5.38 -21.07 26.67
N VAL D 128 -6.23 -21.97 26.13
CA VAL D 128 -7.69 -21.84 26.27
C VAL D 128 -8.24 -22.47 27.57
N GLU D 129 -7.63 -23.55 28.06
CA GLU D 129 -7.90 -24.03 29.42
C GLU D 129 -7.80 -22.83 30.34
N ALA D 130 -6.62 -22.19 30.32
CA ALA D 130 -6.38 -20.99 31.12
C ALA D 130 -7.50 -20.00 30.87
N GLU D 131 -7.72 -19.71 29.59
CA GLU D 131 -8.69 -18.72 29.19
C GLU D 131 -10.05 -18.97 29.76
N ASN D 132 -10.44 -20.24 29.73
CA ASN D 132 -11.76 -20.65 30.18
C ASN D 132 -11.98 -20.45 31.70
N GLU D 133 -10.94 -20.76 32.48
CA GLU D 133 -10.98 -20.51 33.91
C GLU D 133 -11.18 -19.01 34.17
N ARG D 134 -10.42 -18.17 33.48
CA ARG D 134 -10.59 -16.73 33.55
C ARG D 134 -12.03 -16.35 33.21
N MET D 135 -12.60 -17.02 32.22
CA MET D 135 -13.99 -16.76 31.80
C MET D 135 -15.05 -17.26 32.79
N HIS D 136 -14.64 -18.03 33.81
CA HIS D 136 -15.47 -18.25 35.01
C HIS D 136 -15.41 -17.02 35.91
N LEU D 137 -14.21 -16.61 36.30
CA LEU D 137 -13.98 -15.35 37.06
C LEU D 137 -14.78 -14.15 36.57
N MET D 138 -15.01 -14.06 35.27
CA MET D 138 -15.83 -12.99 34.72
C MET D 138 -17.26 -13.23 35.17
N THR D 139 -17.71 -14.47 35.12
CA THR D 139 -19.05 -14.83 35.59
C THR D 139 -19.27 -14.66 37.11
N PHE D 140 -18.21 -14.82 37.92
CA PHE D 140 -18.33 -14.74 39.39
C PHE D 140 -18.24 -13.32 39.95
N ILE D 141 -17.35 -12.53 39.36
CA ILE D 141 -17.16 -11.15 39.76
C ILE D 141 -18.37 -10.29 39.31
N GLU D 142 -19.21 -10.82 38.40
CA GLU D 142 -20.48 -10.19 38.02
C GLU D 142 -21.64 -10.53 38.97
N LEU D 143 -21.48 -11.58 39.79
CA LEU D 143 -22.51 -12.00 40.75
C LEU D 143 -22.23 -11.46 42.14
N ARG D 144 -21.02 -11.72 42.63
CA ARG D 144 -20.51 -11.24 43.93
C ARG D 144 -19.27 -10.40 43.68
N GLN D 145 -19.28 -9.17 44.20
CA GLN D 145 -18.25 -8.15 43.93
C GLN D 145 -17.44 -7.87 45.21
N PRO D 146 -16.49 -8.78 45.55
CA PRO D 146 -15.98 -9.01 46.93
C PRO D 146 -15.33 -7.81 47.64
N GLY D 147 -14.88 -8.03 48.87
CA GLY D 147 -14.24 -7.01 49.70
C GLY D 147 -12.73 -7.00 49.59
N LEU D 148 -12.13 -5.94 50.15
CA LEU D 148 -10.67 -5.68 50.08
C LEU D 148 -9.77 -6.85 50.54
N PRO D 149 -10.11 -7.51 51.68
CA PRO D 149 -9.23 -8.58 52.18
C PRO D 149 -8.91 -9.67 51.14
N LEU D 150 -9.94 -10.09 50.40
CA LEU D 150 -9.76 -10.99 49.25
C LEU D 150 -8.94 -10.35 48.14
N ARG D 151 -9.36 -9.14 47.75
CA ARG D 151 -8.60 -8.35 46.78
C ARG D 151 -7.10 -8.28 47.15
N VAL D 152 -6.78 -8.40 48.43
CA VAL D 152 -5.38 -8.62 48.87
C VAL D 152 -4.93 -10.09 48.73
N SER D 153 -5.53 -11.02 49.47
CA SER D 153 -5.00 -12.41 49.49
C SER D 153 -4.71 -12.90 48.07
N ILE D 154 -5.71 -12.78 47.19
CA ILE D 154 -5.58 -12.99 45.74
C ILE D 154 -4.18 -12.60 45.24
N ILE D 155 -3.83 -11.32 45.39
CA ILE D 155 -2.60 -10.78 44.77
C ILE D 155 -1.34 -11.49 45.23
N ILE D 156 -1.18 -11.70 46.55
CA ILE D 156 0.02 -12.39 47.06
C ILE D 156 0.00 -13.87 46.60
N THR D 157 -1.19 -14.48 46.60
CA THR D 157 -1.35 -15.91 46.30
C THR D 157 -0.88 -16.18 44.87
N GLN D 158 -1.52 -15.49 43.93
CA GLN D 158 -1.08 -15.39 42.53
C GLN D 158 0.44 -15.52 42.37
N ALA D 159 1.16 -14.59 43.01
CA ALA D 159 2.61 -14.53 42.91
C ALA D 159 3.33 -15.69 43.63
N ILE D 160 2.72 -16.24 44.68
CA ILE D 160 3.20 -17.50 45.31
C ILE D 160 2.98 -18.73 44.40
N MET D 161 1.91 -18.75 43.62
CA MET D 161 1.58 -19.89 42.73
C MET D 161 2.28 -19.88 41.39
N TYR D 162 2.33 -18.70 40.75
CA TYR D 162 3.02 -18.51 39.47
C TYR D 162 4.45 -18.99 39.56
N LEU D 163 5.15 -18.50 40.59
CA LEU D 163 6.51 -18.93 40.92
C LEU D 163 6.59 -20.46 41.13
N PHE D 164 5.68 -20.97 41.95
CA PHE D 164 5.63 -22.41 42.27
C PHE D 164 5.43 -23.29 41.04
N LEU D 165 4.54 -22.87 40.14
CA LEU D 165 4.24 -23.62 38.92
C LEU D 165 5.35 -23.47 37.89
N LEU D 166 5.89 -22.26 37.78
CA LEU D 166 7.03 -21.99 36.91
C LEU D 166 8.16 -22.97 37.21
N VAL D 167 8.54 -23.10 38.49
CA VAL D 167 9.55 -24.09 38.89
C VAL D 167 9.02 -25.52 38.67
N ALA D 168 7.77 -25.77 39.11
CA ALA D 168 7.18 -27.12 39.06
C ALA D 168 7.07 -27.69 37.65
N TYR D 169 6.61 -26.88 36.71
CA TYR D 169 6.45 -27.32 35.31
C TYR D 169 7.82 -27.68 34.75
N VAL D 170 8.75 -26.71 34.81
CA VAL D 170 10.14 -26.91 34.38
C VAL D 170 10.69 -28.25 34.87
N ILE D 171 10.63 -28.47 36.19
CA ILE D 171 11.25 -29.65 36.81
C ILE D 171 10.62 -30.95 36.28
N SER D 172 9.43 -31.33 36.77
CA SER D 172 8.74 -32.53 36.30
C SER D 172 7.34 -32.09 35.86
N PRO D 173 7.14 -31.91 34.55
CA PRO D 173 5.84 -31.38 34.14
C PRO D 173 4.65 -32.33 34.39
N ARG D 174 4.93 -33.63 34.36
CA ARG D 174 3.97 -34.70 34.73
C ARG D 174 3.18 -34.37 36.00
N PHE D 175 3.91 -33.96 37.04
CA PHE D 175 3.35 -33.49 38.31
C PHE D 175 2.25 -32.42 38.16
N VAL D 176 2.51 -31.41 37.34
CA VAL D 176 1.60 -30.26 37.22
C VAL D 176 0.25 -30.66 36.62
N HIS D 177 0.28 -31.54 35.63
CA HIS D 177 -0.93 -31.99 34.95
C HIS D 177 -1.73 -32.93 35.84
N ARG D 178 -1.03 -33.75 36.64
CA ARG D 178 -1.70 -34.58 37.66
C ARG D 178 -2.28 -33.65 38.71
N PHE D 179 -1.43 -32.91 39.40
CA PHE D 179 -1.87 -31.91 40.38
C PHE D 179 -3.20 -31.31 39.95
N VAL D 180 -3.28 -30.85 38.70
CA VAL D 180 -4.49 -30.21 38.16
C VAL D 180 -5.60 -31.23 37.88
N GLY D 181 -5.25 -32.37 37.29
CA GLY D 181 -6.19 -33.48 37.11
C GLY D 181 -7.05 -33.62 38.35
N TYR D 182 -6.38 -33.67 39.51
CA TYR D 182 -7.02 -33.74 40.81
C TYR D 182 -7.71 -32.47 41.29
N LEU D 183 -7.15 -31.30 41.02
CA LEU D 183 -7.83 -30.04 41.35
C LEU D 183 -9.15 -29.93 40.60
N GLU D 184 -9.18 -30.50 39.40
CA GLU D 184 -10.38 -30.51 38.57
C GLU D 184 -11.37 -31.58 39.01
N GLU D 185 -10.88 -32.72 39.52
CA GLU D 185 -11.72 -33.64 40.27
C GLU D 185 -12.41 -32.85 41.40
N GLU D 186 -11.62 -32.22 42.26
CA GLU D 186 -12.13 -31.43 43.41
C GLU D 186 -13.02 -30.20 43.10
N ALA D 187 -13.06 -29.75 41.84
CA ALA D 187 -13.96 -28.67 41.43
C ALA D 187 -15.24 -29.18 40.76
N VAL D 188 -15.19 -30.36 40.14
CA VAL D 188 -16.43 -31.08 39.78
C VAL D 188 -17.11 -31.33 41.11
N ILE D 189 -16.42 -32.05 41.97
CA ILE D 189 -16.94 -32.40 43.30
C ILE D 189 -17.60 -31.17 43.98
N THR D 190 -17.01 -29.99 43.83
CA THR D 190 -17.63 -28.77 44.31
C THR D 190 -18.84 -28.36 43.46
N TYR D 191 -18.65 -28.09 42.16
CA TYR D 191 -19.72 -27.50 41.31
C TYR D 191 -20.98 -28.40 41.17
N THR D 192 -20.84 -29.73 41.32
CA THR D 192 -22.04 -30.59 41.37
C THR D 192 -22.72 -30.29 42.70
N GLY D 193 -21.95 -30.16 43.78
CA GLY D 193 -22.48 -29.75 45.08
C GLY D 193 -23.42 -28.56 45.07
N VAL D 194 -23.11 -27.53 44.27
CA VAL D 194 -23.92 -26.29 44.17
C VAL D 194 -25.25 -26.54 43.44
N MET D 195 -25.21 -27.29 42.34
CA MET D 195 -26.42 -27.75 41.64
C MET D 195 -27.20 -28.68 42.60
N ARG D 196 -26.44 -29.53 43.30
CA ARG D 196 -26.94 -30.46 44.30
C ARG D 196 -27.42 -29.75 45.59
N ALA D 197 -27.02 -28.48 45.76
CA ALA D 197 -27.52 -27.58 46.78
C ALA D 197 -28.74 -26.81 46.30
N ILE D 198 -28.78 -26.49 45.00
CA ILE D 198 -29.98 -25.89 44.38
C ILE D 198 -31.09 -26.94 44.38
N ASP D 199 -30.88 -28.07 43.71
CA ASP D 199 -31.76 -29.24 43.91
C ASP D 199 -31.71 -29.39 45.41
N GLU D 200 -32.84 -29.70 46.05
CA GLU D 200 -33.16 -29.30 47.45
C GLU D 200 -33.85 -27.92 47.31
N GLY D 201 -33.55 -26.98 48.19
CA GLY D 201 -33.91 -25.59 47.92
C GLY D 201 -33.14 -24.67 48.83
N ARG D 202 -31.82 -24.84 48.87
CA ARG D 202 -30.94 -24.05 49.73
C ARG D 202 -30.64 -22.72 49.04
N LEU D 203 -30.13 -22.81 47.82
CA LEU D 203 -30.03 -21.65 46.94
C LEU D 203 -31.13 -21.82 45.92
N ARG D 204 -32.06 -20.86 45.85
CA ARG D 204 -32.82 -20.63 44.62
C ARG D 204 -32.13 -19.43 44.01
N PRO D 205 -31.70 -19.54 42.74
CA PRO D 205 -31.26 -18.33 42.06
C PRO D 205 -32.48 -17.50 41.65
N THR D 206 -33.01 -16.75 42.62
CA THR D 206 -34.15 -15.86 42.39
C THR D 206 -33.61 -14.64 41.67
N LYS D 207 -34.10 -14.42 40.45
CA LYS D 207 -33.35 -13.79 39.36
C LYS D 207 -32.43 -14.88 38.80
N ASN D 208 -32.76 -15.36 37.60
CA ASN D 208 -31.96 -16.38 36.92
C ASN D 208 -30.95 -15.69 36.01
N ASP D 209 -30.00 -15.01 36.65
CA ASP D 209 -28.98 -14.18 36.00
C ASP D 209 -27.64 -14.83 36.35
N VAL D 210 -26.85 -15.35 35.41
CA VAL D 210 -26.89 -15.17 33.94
C VAL D 210 -26.47 -13.76 33.47
N PRO D 211 -25.17 -13.43 33.68
CA PRO D 211 -24.54 -12.31 33.01
C PRO D 211 -24.44 -12.58 31.51
N GLU D 212 -24.72 -11.56 30.70
CA GLU D 212 -24.66 -11.68 29.24
C GLU D 212 -23.29 -12.24 28.87
N VAL D 213 -22.27 -11.67 29.50
CA VAL D 213 -20.94 -12.29 29.68
C VAL D 213 -20.90 -13.81 29.44
N ALA D 214 -21.70 -14.53 30.22
CA ALA D 214 -21.70 -15.97 30.25
C ALA D 214 -22.81 -16.59 29.38
N ARG D 215 -23.91 -15.87 29.18
CA ARG D 215 -24.92 -16.28 28.18
C ARG D 215 -24.27 -16.42 26.80
N VAL D 216 -23.43 -15.44 26.46
CA VAL D 216 -22.76 -15.44 25.17
C VAL D 216 -21.63 -16.47 25.13
N TYR D 217 -20.84 -16.58 26.20
CA TYR D 217 -19.61 -17.38 26.17
C TYR D 217 -19.93 -18.85 26.06
N TRP D 218 -21.10 -19.25 26.56
CA TRP D 218 -21.56 -20.65 26.53
C TRP D 218 -22.84 -20.87 25.70
N ASN D 219 -23.31 -19.83 24.99
CA ASN D 219 -24.42 -19.96 24.04
C ASN D 219 -25.80 -20.20 24.70
N LEU D 220 -25.94 -19.84 25.98
CA LEU D 220 -27.15 -20.18 26.77
C LEU D 220 -28.27 -19.19 26.51
N SER D 221 -29.42 -19.73 26.12
CA SER D 221 -30.57 -18.92 25.75
C SER D 221 -31.13 -18.22 27.00
N LYS D 222 -31.46 -16.94 26.84
CA LYS D 222 -32.13 -16.09 27.86
C LYS D 222 -32.41 -16.70 29.25
N ASN D 223 -33.19 -17.79 29.23
CA ASN D 223 -33.75 -18.45 30.45
C ASN D 223 -32.77 -19.01 31.49
N ALA D 224 -31.75 -19.72 31.01
CA ALA D 224 -30.73 -20.37 31.84
C ALA D 224 -30.74 -20.00 33.34
N THR D 225 -31.24 -20.93 34.15
CA THR D 225 -31.16 -20.82 35.60
C THR D 225 -29.71 -20.90 36.00
N PHE D 226 -29.30 -20.09 36.96
CA PHE D 226 -27.91 -20.10 37.45
C PHE D 226 -27.37 -21.52 37.72
N ARG D 227 -28.27 -22.49 37.92
CA ARG D 227 -27.91 -23.92 37.89
C ARG D 227 -27.40 -24.40 36.52
N ASP D 228 -28.13 -24.08 35.45
CA ASP D 228 -27.65 -24.32 34.06
C ASP D 228 -26.21 -23.82 33.91
N LEU D 229 -25.97 -22.58 34.36
CA LEU D 229 -24.64 -21.96 34.41
C LEU D 229 -23.62 -22.82 35.17
N ILE D 230 -23.99 -23.34 36.35
CA ILE D 230 -23.07 -24.22 37.09
C ILE D 230 -22.89 -25.59 36.40
N ASN D 231 -23.88 -26.01 35.62
CA ASN D 231 -23.76 -27.26 34.85
C ASN D 231 -22.66 -27.18 33.81
N VAL D 232 -22.64 -26.06 33.07
CA VAL D 232 -21.65 -25.84 32.01
C VAL D 232 -20.26 -25.65 32.60
N ILE D 233 -20.14 -24.93 33.72
CA ILE D 233 -18.83 -24.74 34.37
C ILE D 233 -18.26 -26.09 34.79
N ARG D 234 -19.10 -26.95 35.39
CA ARG D 234 -18.68 -28.28 35.80
C ARG D 234 -18.14 -29.05 34.61
N ALA D 235 -18.79 -28.90 33.46
CA ALA D 235 -18.37 -29.57 32.21
C ALA D 235 -17.00 -29.07 31.75
N ASP D 236 -16.76 -27.75 31.84
CA ASP D 236 -15.44 -27.19 31.54
C ASP D 236 -14.39 -27.86 32.42
N GLU D 237 -14.62 -27.82 33.72
CA GLU D 237 -13.69 -28.34 34.73
C GLU D 237 -13.56 -29.87 34.62
N ALA D 238 -14.62 -30.51 34.12
CA ALA D 238 -14.59 -31.93 33.80
C ALA D 238 -13.66 -32.19 32.62
N GLU D 239 -13.87 -31.43 31.54
CA GLU D 239 -13.07 -31.53 30.32
C GLU D 239 -11.57 -31.32 30.60
N HIS D 240 -11.24 -30.45 31.55
CA HIS D 240 -9.85 -30.22 31.96
C HIS D 240 -9.30 -31.38 32.77
N ARG D 241 -10.09 -31.86 33.73
CA ARG D 241 -9.77 -33.07 34.48
C ARG D 241 -9.19 -34.16 33.57
N VAL D 242 -9.96 -34.58 32.57
CA VAL D 242 -9.53 -35.66 31.67
C VAL D 242 -8.29 -35.30 30.83
N VAL D 243 -8.20 -34.03 30.43
CA VAL D 243 -7.13 -33.54 29.55
C VAL D 243 -5.73 -33.53 30.21
N ASN D 244 -5.62 -32.97 31.41
CA ASN D 244 -4.35 -32.98 32.15
C ASN D 244 -3.99 -34.37 32.71
N HIS D 245 -4.99 -35.19 33.05
CA HIS D 245 -4.71 -36.58 33.44
C HIS D 245 -4.08 -37.38 32.32
N THR D 246 -4.36 -36.99 31.08
CA THR D 246 -3.69 -37.58 29.92
C THR D 246 -2.34 -36.92 29.65
N PHE D 247 -2.21 -35.60 29.83
CA PHE D 247 -0.87 -34.95 29.75
C PHE D 247 0.13 -35.41 30.83
N ALA D 248 -0.35 -35.97 31.94
CA ALA D 248 0.56 -36.59 32.89
C ALA D 248 0.99 -37.96 32.35
N ASP D 249 0.01 -38.80 32.03
CA ASP D 249 0.26 -40.15 31.49
C ASP D 249 1.18 -40.18 30.26
N MET D 250 1.20 -39.09 29.50
CA MET D 250 2.14 -38.93 28.38
C MET D 250 3.57 -38.68 28.89
N HIS D 251 3.73 -37.75 29.83
CA HIS D 251 5.03 -37.54 30.47
C HIS D 251 5.50 -38.80 31.18
N GLU D 252 4.55 -39.59 31.66
CA GLU D 252 4.83 -40.87 32.32
C GLU D 252 5.50 -41.86 31.37
N LYS D 253 4.93 -42.03 30.18
CA LYS D 253 5.41 -43.05 29.24
C LYS D 253 6.43 -42.48 28.24
N ARG D 254 7.16 -41.43 28.64
CA ARG D 254 7.89 -40.57 27.70
C ARG D 254 7.02 -40.23 26.49
N LEU D 255 6.18 -39.20 26.57
CA LEU D 255 5.28 -38.87 25.47
C LEU D 255 4.92 -37.38 25.36
N GLN D 256 5.87 -36.52 25.75
CA GLN D 256 5.63 -35.07 25.89
C GLN D 256 5.71 -34.38 24.53
N ASN D 257 6.58 -34.90 23.66
CA ASN D 257 6.66 -34.48 22.26
C ASN D 257 5.43 -34.89 21.42
N SER D 258 4.82 -36.01 21.78
CA SER D 258 3.77 -36.65 20.97
C SER D 258 2.54 -35.79 20.65
N VAL D 259 1.84 -36.24 19.62
CA VAL D 259 0.62 -35.60 19.12
C VAL D 259 -0.49 -35.54 20.18
N ASN D 260 -1.09 -34.35 20.36
CA ASN D 260 -2.19 -34.19 21.31
C ASN D 260 -3.40 -34.97 20.82
N PRO D 261 -3.97 -35.87 21.66
CA PRO D 261 -5.26 -36.49 21.31
C PRO D 261 -6.38 -35.50 20.97
N PHE D 262 -6.55 -34.49 21.82
CA PHE D 262 -7.82 -33.73 21.88
C PHE D 262 -8.14 -32.87 20.66
N VAL D 263 -7.16 -32.16 20.10
CA VAL D 263 -7.37 -31.44 18.81
C VAL D 263 -8.20 -32.28 17.82
N VAL D 264 -7.86 -33.56 17.69
CA VAL D 264 -8.55 -34.50 16.81
C VAL D 264 -9.82 -35.03 17.51
N LEU D 265 -9.66 -35.52 18.74
CA LEU D 265 -10.77 -36.15 19.48
C LEU D 265 -11.98 -35.25 19.73
N LYS D 266 -11.74 -33.93 19.81
CA LYS D 266 -12.74 -32.94 20.18
C LYS D 266 -13.41 -32.28 18.96
N LYS D 267 -12.90 -32.53 17.74
CA LYS D 267 -13.41 -31.92 16.51
C LYS D 267 -13.60 -32.96 15.38
N ASN D 268 -12.50 -33.56 14.91
CA ASN D 268 -12.53 -34.56 13.82
C ASN D 268 -12.52 -35.99 14.40
N PRO D 269 -13.71 -36.61 14.56
CA PRO D 269 -13.95 -37.65 15.59
C PRO D 269 -13.16 -38.95 15.47
N GLU D 270 -13.17 -39.57 14.30
CA GLU D 270 -12.53 -40.89 14.06
C GLU D 270 -11.74 -40.82 12.75
N GLU D 271 -10.57 -41.47 12.74
CA GLU D 271 -9.54 -41.18 11.74
C GLU D 271 -8.86 -42.39 11.09
N MET D 272 -8.74 -42.31 9.75
CA MET D 272 -7.86 -43.14 8.90
C MET D 272 -7.55 -44.55 9.39
FE FE E . 12.30 12.12 -10.65
FE FE F . 10.39 10.27 -11.56
O OH G . 13.38 10.92 -9.35
CBB A1L8E H . 2.07 -7.37 -29.21
CBC A1L8E H . 2.54 -8.64 -29.56
CBD A1L8E H . 3.41 -8.80 -30.65
CBE A1L8E H . 3.79 -7.68 -31.39
CBF A1L8E H . 3.32 -6.40 -31.04
CBA A1L8E H . 2.44 -6.22 -29.96
PAZ A1L8E H . 1.79 -4.53 -29.45
CBG A1L8E H . 1.04 -4.40 -27.75
CBH A1L8E H . -0.02 -5.24 -27.36
CBI A1L8E H . -0.59 -5.17 -26.09
CBJ A1L8E H . -0.09 -4.28 -25.17
CBK A1L8E H . 0.98 -3.46 -25.54
CBL A1L8E H . 1.56 -3.52 -26.80
CBM A1L8E H . 2.27 -3.05 -30.45
NBR A1L8E H . 2.49 -1.81 -29.85
CBQ A1L8E H . 2.85 -0.71 -30.61
CBP A1L8E H . 3.03 -0.81 -32.00
CBO A1L8E H . 2.83 -2.04 -32.61
CBN A1L8E H . 2.45 -3.16 -31.83
CAY A1L8E H . 0.15 -4.72 -30.37
CAX A1L8E H . -0.75 -3.54 -29.87
CAW A1L8E H . -2.06 -3.47 -30.67
CAV A1L8E H . -1.81 -3.02 -32.13
CAU A1L8E H . -2.11 -1.52 -32.31
CAT A1L8E H . -0.92 -0.72 -31.75
CAS A1L8E H . -0.63 0.59 -32.53
CAR A1L8E H . -1.88 1.49 -32.45
CAQ A1L8E H . -2.11 1.95 -31.00
CAP A1L8E H . -1.83 3.45 -30.82
CAO A1L8E H . -2.61 3.87 -29.56
CAN A1L8E H . -3.75 4.79 -29.95
CAM A1L8E H . -4.95 4.07 -30.61
CAL A1L8E H . -4.74 3.90 -32.11
OAK A1L8E H . -6.00 3.37 -32.64
CAI A1L8E H . -6.01 2.04 -33.02
OAJ A1L8E H . -5.82 1.12 -32.24
CAH A1L8E H . -6.23 1.82 -34.39
CAG A1L8E H . -7.40 2.31 -34.95
CAF A1L8E H . -7.66 2.14 -36.31
CAD A1L8E H . -6.76 1.47 -37.13
OAE A1L8E H . -7.01 1.30 -38.45
CAC A1L8E H . -5.58 0.97 -36.58
CAB A1L8E H . -5.31 1.14 -35.22
CAA A1L8E H . -4.11 0.63 -34.74
FE FE I . -5.44 23.75 -39.27
FE FE J . -2.40 24.72 -38.97
O OH K . -3.92 23.73 -41.17
FE FE L . 8.73 -12.19 12.07
FE FE M . 7.30 -10.06 13.92
O OH N . 9.65 -10.89 11.01
FE FE O . -11.99 -23.49 38.12
FE FE P . -10.56 -25.60 37.40
O OH Q . -12.26 -24.67 40.30
#